data_4HBM
#
_entry.id   4HBM
#
_cell.length_a   185.35
_cell.length_b   73.95
_cell.length_c   123.09
_cell.angle_alpha   90
_cell.angle_beta   121.60
_cell.angle_gamma   90
#
_symmetry.space_group_name_H-M   'C 1 2 1'
#
loop_
_entity.id
_entity.type
_entity.pdbx_description
1 polymer 'E3 ubiquitin-protein ligase Mdm2'
2 non-polymer '{(3R,5R,6S)-5-(3-chlorophenyl)-6-(4-chlorophenyl)-1-[(2S)-1-hydroxybutan-2-yl]-2-oxopiperidin-3-yl}acetic acid'
3 water water
#
_entity_poly.entity_id   1
_entity_poly.type   'polypeptide(L)'
_entity_poly.pdbx_seq_one_letter_code
;MSVPTDGAVTTSQIPASEQETLVRPKPLLLKLLKSVGAQKDTYTMKEVLFYLGQYIMTKRLYDEKQQHIVYCSNDLLGDL
FGVPSFSVKEHRKIYTMIYRNLVVVNQQESSDSGTSVSEN
;
_entity_poly.pdbx_strand_id   A,B,C,D,E,F,G,H
#
loop_
_chem_comp.id
_chem_comp.type
_chem_comp.name
_chem_comp.formula
0Y7 non-polymer '{(3R,5R,6S)-5-(3-chlorophenyl)-6-(4-chlorophenyl)-1-[(2S)-1-hydroxybutan-2-yl]-2-oxopiperidin-3-yl}acetic acid' 'C23 H25 Cl2 N O4'
#
# COMPACT_ATOMS: atom_id res chain seq x y z
N MET A 1 16.41 -21.50 -1.05
CA MET A 1 16.03 -20.16 -1.60
C MET A 1 17.26 -19.44 -2.18
N SER A 2 17.13 -18.91 -3.39
CA SER A 2 18.24 -18.23 -4.09
C SER A 2 18.42 -16.74 -3.79
N VAL A 3 17.45 -16.13 -3.10
CA VAL A 3 17.51 -14.71 -2.74
C VAL A 3 17.40 -14.64 -1.21
N PRO A 4 17.90 -13.56 -0.57
CA PRO A 4 17.83 -13.49 0.90
C PRO A 4 16.43 -13.46 1.55
N THR A 5 15.47 -12.81 0.89
CA THR A 5 14.11 -12.70 1.38
C THR A 5 13.16 -12.56 0.19
N ASP A 6 11.90 -12.91 0.41
CA ASP A 6 10.92 -12.81 -0.65
C ASP A 6 9.56 -12.56 0.01
N GLY A 7 8.60 -12.10 -0.77
CA GLY A 7 7.28 -11.82 -0.23
C GLY A 7 6.25 -12.02 -1.31
N ALA A 8 5.03 -12.30 -0.89
CA ALA A 8 3.95 -12.52 -1.84
C ALA A 8 2.60 -12.35 -1.18
N VAL A 9 1.68 -11.72 -1.90
CA VAL A 9 0.33 -11.54 -1.40
C VAL A 9 -0.61 -12.10 -2.45
N THR A 10 -1.66 -12.80 -2.02
CA THR A 10 -2.61 -13.37 -2.96
C THR A 10 -4.02 -12.96 -2.56
N THR A 11 -4.94 -13.05 -3.51
CA THR A 11 -6.33 -12.67 -3.30
C THR A 11 -7.28 -13.68 -3.94
N SER A 12 -8.44 -13.84 -3.33
CA SER A 12 -9.43 -14.75 -3.88
C SER A 12 -10.13 -14.14 -5.11
N GLN A 13 -9.84 -12.88 -5.38
CA GLN A 13 -10.44 -12.18 -6.51
C GLN A 13 -9.78 -12.47 -7.86
N ILE A 14 -8.57 -12.99 -7.85
CA ILE A 14 -7.85 -13.30 -9.07
C ILE A 14 -7.54 -14.80 -9.08
N PRO A 15 -7.58 -15.44 -10.26
CA PRO A 15 -7.28 -16.87 -10.26
C PRO A 15 -5.81 -17.17 -9.97
N ALA A 16 -5.60 -18.20 -9.16
CA ALA A 16 -4.27 -18.61 -8.76
C ALA A 16 -3.29 -18.59 -9.90
N SER A 17 -3.60 -19.32 -10.96
CA SER A 17 -2.74 -19.40 -12.12
C SER A 17 -2.28 -18.04 -12.66
N GLU A 18 -3.12 -17.01 -12.54
CA GLU A 18 -2.73 -15.70 -13.05
C GLU A 18 -1.71 -15.03 -12.14
N GLN A 19 -1.87 -15.21 -10.84
CA GLN A 19 -0.98 -14.62 -9.84
C GLN A 19 0.43 -15.20 -9.88
N GLU A 20 0.59 -16.36 -10.51
CA GLU A 20 1.88 -17.01 -10.61
C GLU A 20 2.61 -16.57 -11.90
N THR A 21 1.90 -15.85 -12.76
CA THR A 21 2.49 -15.40 -14.01
C THR A 21 3.84 -14.73 -13.75
N LEU A 22 4.81 -15.02 -14.60
CA LEU A 22 6.16 -14.47 -14.47
C LEU A 22 6.25 -13.22 -15.34
N VAL A 23 6.71 -12.12 -14.76
CA VAL A 23 6.79 -10.86 -15.47
C VAL A 23 8.11 -10.11 -15.30
N ARG A 24 8.37 -9.18 -16.23
CA ARG A 24 9.58 -8.37 -16.21
C ARG A 24 9.17 -6.90 -16.18
N PRO A 25 9.19 -6.28 -14.99
CA PRO A 25 8.82 -4.87 -14.81
C PRO A 25 9.56 -3.85 -15.68
N LYS A 26 8.83 -2.87 -16.20
CA LYS A 26 9.43 -1.81 -17.00
C LYS A 26 10.21 -0.88 -16.06
N PRO A 27 10.95 0.11 -16.59
CA PRO A 27 11.71 1.00 -15.70
C PRO A 27 11.06 1.61 -14.45
N LEU A 28 9.96 2.33 -14.60
CA LEU A 28 9.34 2.95 -13.43
C LEU A 28 8.88 1.94 -12.39
N LEU A 29 8.25 0.86 -12.82
CA LEU A 29 7.81 -0.16 -11.88
C LEU A 29 8.99 -0.84 -11.20
N LEU A 30 10.03 -1.17 -11.94
CA LEU A 30 11.19 -1.81 -11.33
C LEU A 30 11.87 -0.88 -10.33
N LYS A 31 11.86 0.41 -10.63
CA LYS A 31 12.47 1.40 -9.74
C LYS A 31 11.74 1.43 -8.41
N LEU A 32 10.41 1.38 -8.47
CA LEU A 32 9.62 1.41 -7.24
C LEU A 32 9.83 0.13 -6.43
N LEU A 33 9.83 -1.01 -7.11
CA LEU A 33 10.02 -2.29 -6.43
C LEU A 33 11.36 -2.34 -5.69
N LYS A 34 12.42 -1.86 -6.33
CA LYS A 34 13.74 -1.90 -5.72
C LYS A 34 13.90 -0.88 -4.60
N SER A 35 13.07 0.14 -4.59
CA SER A 35 13.15 1.14 -3.54
C SER A 35 12.67 0.53 -2.22
N VAL A 36 12.00 -0.62 -2.28
CA VAL A 36 11.54 -1.27 -1.06
C VAL A 36 12.19 -2.62 -0.81
N GLY A 37 13.35 -2.86 -1.42
CA GLY A 37 14.05 -4.11 -1.15
C GLY A 37 14.08 -5.22 -2.19
N ALA A 38 13.26 -5.11 -3.23
CA ALA A 38 13.24 -6.11 -4.29
C ALA A 38 14.62 -6.10 -4.92
N GLN A 39 15.10 -7.28 -5.30
CA GLN A 39 16.44 -7.39 -5.88
C GLN A 39 16.51 -8.04 -7.26
N LYS A 40 15.37 -8.44 -7.79
CA LYS A 40 15.36 -9.11 -9.07
C LYS A 40 14.82 -8.30 -10.24
N ASP A 41 14.91 -8.87 -11.44
CA ASP A 41 14.43 -8.22 -12.65
C ASP A 41 13.18 -8.92 -13.18
N THR A 42 12.92 -10.11 -12.65
CA THR A 42 11.72 -10.89 -13.03
C THR A 42 11.03 -11.32 -11.75
N TYR A 43 9.71 -11.24 -11.73
CA TYR A 43 8.92 -11.60 -10.56
C TYR A 43 7.63 -12.29 -10.96
N THR A 44 6.96 -12.90 -9.99
CA THR A 44 5.65 -13.50 -10.25
C THR A 44 4.73 -12.36 -9.87
N MET A 45 3.51 -12.34 -10.41
CA MET A 45 2.61 -11.25 -10.08
C MET A 45 2.36 -11.07 -8.59
N LYS A 46 2.30 -12.18 -7.85
CA LYS A 46 2.06 -12.06 -6.41
C LYS A 46 3.22 -11.40 -5.66
N GLU A 47 4.44 -11.49 -6.18
CA GLU A 47 5.60 -10.85 -5.55
C GLU A 47 5.51 -9.37 -5.86
N VAL A 48 5.16 -9.04 -7.10
CA VAL A 48 5.02 -7.65 -7.51
C VAL A 48 4.02 -7.00 -6.57
N LEU A 49 2.87 -7.62 -6.36
CA LEU A 49 1.86 -7.05 -5.47
C LEU A 49 2.39 -6.89 -4.04
N PHE A 50 3.19 -7.85 -3.58
CA PHE A 50 3.75 -7.74 -2.24
C PHE A 50 4.58 -6.47 -2.08
N TYR A 51 5.55 -6.27 -2.98
CA TYR A 51 6.40 -5.09 -2.92
C TYR A 51 5.65 -3.79 -3.15
N LEU A 52 4.65 -3.80 -4.02
CA LEU A 52 3.87 -2.59 -4.24
C LEU A 52 3.12 -2.26 -2.97
N GLY A 53 2.68 -3.30 -2.27
CA GLY A 53 1.99 -3.09 -1.01
C GLY A 53 2.97 -2.46 -0.04
N GLN A 54 4.17 -3.02 0.00
CA GLN A 54 5.22 -2.49 0.87
C GLN A 54 5.52 -1.03 0.54
N TYR A 55 5.51 -0.70 -0.75
CA TYR A 55 5.78 0.67 -1.20
C TYR A 55 4.69 1.61 -0.70
N ILE A 56 3.44 1.19 -0.81
CA ILE A 56 2.31 1.97 -0.36
C ILE A 56 2.40 2.22 1.14
N MET A 57 2.76 1.18 1.90
CA MET A 57 2.91 1.26 3.35
C MET A 57 4.05 2.21 3.77
N THR A 58 5.20 2.05 3.13
CA THR A 58 6.37 2.86 3.45
C THR A 58 6.16 4.34 3.10
N LYS A 59 5.46 4.61 2.01
CA LYS A 59 5.20 5.98 1.61
C LYS A 59 3.99 6.56 2.35
N ARG A 60 3.43 5.77 3.26
CA ARG A 60 2.28 6.20 4.05
C ARG A 60 1.08 6.64 3.21
N LEU A 61 0.79 5.86 2.18
CA LEU A 61 -0.32 6.14 1.31
C LEU A 61 -1.55 5.29 1.69
N TYR A 62 -1.45 4.58 2.80
CA TYR A 62 -2.56 3.73 3.26
C TYR A 62 -3.09 4.15 4.63
N ASP A 63 -4.38 4.50 4.66
CA ASP A 63 -5.05 4.93 5.86
C ASP A 63 -6.49 4.44 5.79
N GLU A 64 -6.94 3.74 6.83
CA GLU A 64 -8.30 3.22 6.85
C GLU A 64 -9.36 4.31 6.84
N LYS A 65 -9.00 5.48 7.36
CA LYS A 65 -9.95 6.59 7.38
C LYS A 65 -10.26 7.05 5.96
N GLN A 66 -9.47 6.57 5.00
CA GLN A 66 -9.70 6.95 3.61
C GLN A 66 -10.66 5.98 2.95
N GLN A 67 -11.32 5.18 3.78
CA GLN A 67 -12.32 4.21 3.34
C GLN A 67 -11.86 3.34 2.15
N HIS A 68 -10.78 2.60 2.36
CA HIS A 68 -10.23 1.71 1.35
C HIS A 68 -9.55 2.38 0.14
N ILE A 69 -9.61 3.71 0.02
CA ILE A 69 -8.97 4.35 -1.12
C ILE A 69 -7.55 4.85 -0.83
N VAL A 70 -6.69 4.70 -1.82
CA VAL A 70 -5.32 5.16 -1.75
C VAL A 70 -5.27 6.37 -2.67
N TYR A 71 -4.74 7.49 -2.19
CA TYR A 71 -4.63 8.70 -3.02
C TYR A 71 -3.17 8.86 -3.40
N CYS A 72 -2.89 8.61 -4.66
CA CYS A 72 -1.54 8.64 -5.19
C CYS A 72 -1.30 9.70 -6.26
N SER A 73 -2.17 10.69 -6.34
CA SER A 73 -2.04 11.72 -7.34
C SER A 73 -0.70 12.47 -7.29
N ASN A 74 -0.15 12.63 -6.10
CA ASN A 74 1.12 13.33 -5.96
C ASN A 74 2.31 12.41 -5.76
N ASP A 75 2.14 11.14 -6.10
CA ASP A 75 3.20 10.16 -5.96
C ASP A 75 3.50 9.52 -7.30
N LEU A 76 4.72 9.03 -7.45
CA LEU A 76 5.10 8.37 -8.69
C LEU A 76 4.15 7.22 -8.94
N LEU A 77 3.54 6.69 -7.88
CA LEU A 77 2.61 5.58 -8.03
C LEU A 77 1.41 6.02 -8.87
N GLY A 78 1.00 7.28 -8.74
CA GLY A 78 -0.10 7.80 -9.52
C GLY A 78 0.22 7.78 -11.00
N ASP A 79 1.48 8.01 -11.33
CA ASP A 79 1.93 8.01 -12.71
C ASP A 79 2.15 6.58 -13.19
N LEU A 80 2.52 5.68 -12.29
CA LEU A 80 2.72 4.29 -12.69
C LEU A 80 1.37 3.71 -13.09
N PHE A 81 0.38 3.88 -12.22
CA PHE A 81 -0.97 3.37 -12.46
C PHE A 81 -1.81 4.21 -13.42
N GLY A 82 -1.51 5.51 -13.50
CA GLY A 82 -2.27 6.39 -14.38
C GLY A 82 -3.62 6.81 -13.84
N VAL A 83 -3.73 6.86 -12.51
CA VAL A 83 -4.97 7.26 -11.84
C VAL A 83 -4.62 8.07 -10.59
N PRO A 84 -5.52 8.96 -10.16
CA PRO A 84 -5.35 9.82 -8.98
C PRO A 84 -5.60 9.08 -7.67
N SER A 85 -6.37 7.99 -7.77
CA SER A 85 -6.71 7.18 -6.61
C SER A 85 -7.31 5.85 -7.06
N PHE A 86 -7.44 4.92 -6.13
CA PHE A 86 -8.03 3.61 -6.44
C PHE A 86 -8.36 2.90 -5.14
N SER A 87 -9.22 1.89 -5.22
CA SER A 87 -9.57 1.14 -4.02
C SER A 87 -8.72 -0.11 -3.85
N VAL A 88 -8.18 -0.32 -2.66
CA VAL A 88 -7.36 -1.50 -2.41
C VAL A 88 -8.21 -2.77 -2.47
N LYS A 89 -9.52 -2.62 -2.63
CA LYS A 89 -10.43 -3.78 -2.67
C LYS A 89 -10.78 -4.26 -4.09
N GLU A 90 -10.47 -3.43 -5.08
CA GLU A 90 -10.77 -3.77 -6.45
C GLU A 90 -9.51 -4.30 -7.09
N HIS A 91 -9.29 -5.60 -6.89
CA HIS A 91 -8.07 -6.27 -7.36
C HIS A 91 -7.93 -6.47 -8.85
N ARG A 92 -9.02 -6.68 -9.59
CA ARG A 92 -8.87 -6.84 -11.02
C ARG A 92 -8.36 -5.52 -11.61
N LYS A 93 -8.85 -4.39 -11.11
CA LYS A 93 -8.40 -3.08 -11.62
C LYS A 93 -6.92 -2.88 -11.32
N ILE A 94 -6.52 -3.24 -10.11
CA ILE A 94 -5.11 -3.11 -9.72
C ILE A 94 -4.27 -3.95 -10.67
N TYR A 95 -4.69 -5.18 -10.95
CA TYR A 95 -3.93 -6.01 -11.87
C TYR A 95 -3.80 -5.34 -13.21
N THR A 96 -4.91 -4.81 -13.71
CA THR A 96 -4.91 -4.15 -15.00
C THR A 96 -3.91 -2.98 -15.02
N MET A 97 -3.93 -2.16 -13.99
CA MET A 97 -3.01 -1.03 -13.92
C MET A 97 -1.56 -1.51 -13.89
N ILE A 98 -1.31 -2.61 -13.18
CA ILE A 98 0.05 -3.14 -13.08
C ILE A 98 0.55 -3.75 -14.39
N TYR A 99 -0.35 -4.42 -15.12
CA TYR A 99 0.00 -5.06 -16.40
C TYR A 99 0.60 -4.11 -17.45
N ARG A 100 0.16 -2.86 -17.44
CA ARG A 100 0.64 -1.85 -18.40
C ARG A 100 2.14 -1.56 -18.18
N ASN A 101 2.61 -1.79 -16.96
CA ASN A 101 3.99 -1.53 -16.59
C ASN A 101 4.93 -2.73 -16.58
N LEU A 102 4.67 -3.69 -17.43
CA LEU A 102 5.54 -4.86 -17.48
C LEU A 102 5.32 -5.66 -18.74
N VAL A 103 6.15 -6.68 -18.89
CA VAL A 103 6.08 -7.57 -20.03
C VAL A 103 6.12 -8.98 -19.46
N VAL A 104 5.23 -9.85 -19.93
CA VAL A 104 5.18 -11.21 -19.45
C VAL A 104 6.39 -11.94 -20.03
N VAL A 105 7.05 -12.76 -19.22
CA VAL A 105 8.23 -13.50 -19.68
C VAL A 105 7.87 -14.73 -20.52
N ASN A 106 8.65 -14.97 -21.58
CA ASN A 106 8.44 -16.09 -22.49
C ASN A 106 7.00 -16.56 -22.58
N VAL B 3 -13.11 -11.31 2.08
CA VAL B 3 -11.90 -11.76 2.86
C VAL B 3 -10.93 -12.45 1.87
N PRO B 4 -10.41 -13.63 2.22
CA PRO B 4 -9.51 -14.16 1.21
C PRO B 4 -8.52 -13.26 0.52
N THR B 5 -7.47 -12.93 1.28
CA THR B 5 -6.32 -12.13 0.84
C THR B 5 -5.41 -12.90 1.78
N ASP B 6 -4.19 -13.14 1.36
CA ASP B 6 -3.26 -13.87 2.19
C ASP B 6 -1.88 -13.28 1.87
N GLY B 7 -0.98 -13.36 2.83
CA GLY B 7 0.35 -12.84 2.60
C GLY B 7 1.38 -13.72 3.25
N ALA B 8 2.60 -13.70 2.73
CA ALA B 8 3.67 -14.51 3.30
C ALA B 8 5.05 -13.98 2.94
N VAL B 9 5.98 -14.08 3.89
CA VAL B 9 7.34 -13.63 3.63
C VAL B 9 8.26 -14.77 4.03
N THR B 10 9.27 -15.03 3.21
CA THR B 10 10.21 -16.10 3.53
C THR B 10 11.63 -15.58 3.58
N THR B 11 12.50 -16.38 4.21
CA THR B 11 13.89 -16.00 4.36
C THR B 11 14.78 -17.20 4.10
N SER B 12 16.04 -16.95 3.75
CA SER B 12 16.95 -18.04 3.49
C SER B 12 17.67 -18.46 4.77
N GLN B 13 17.38 -17.75 5.86
CA GLN B 13 17.99 -18.01 7.17
C GLN B 13 17.32 -19.11 7.99
N ILE B 14 16.14 -19.54 7.55
CA ILE B 14 15.37 -20.58 8.23
C ILE B 14 14.96 -21.63 7.19
N PRO B 15 15.08 -22.93 7.53
CA PRO B 15 14.72 -24.02 6.62
C PRO B 15 13.32 -23.83 6.10
N ALA B 16 13.10 -24.12 4.83
CA ALA B 16 11.75 -23.94 4.27
C ALA B 16 10.70 -24.73 5.04
N SER B 17 10.99 -25.99 5.35
CA SER B 17 10.03 -26.81 6.08
C SER B 17 9.57 -26.15 7.37
N GLU B 18 10.49 -25.48 8.07
CA GLU B 18 10.12 -24.84 9.32
C GLU B 18 9.24 -23.61 9.05
N GLN B 19 9.52 -22.91 7.96
CA GLN B 19 8.71 -21.75 7.62
C GLN B 19 7.29 -22.15 7.23
N GLU B 20 7.11 -23.42 6.85
CA GLU B 20 5.80 -23.93 6.46
C GLU B 20 4.98 -24.50 7.63
N THR B 21 5.58 -24.54 8.83
CA THR B 21 4.90 -25.08 9.99
C THR B 21 3.56 -24.40 10.21
N LEU B 22 2.54 -25.20 10.47
CA LEU B 22 1.21 -24.70 10.73
C LEU B 22 1.11 -24.45 12.23
N VAL B 23 0.64 -23.27 12.60
CA VAL B 23 0.55 -22.92 14.00
C VAL B 23 -0.76 -22.21 14.36
N ARG B 24 -1.07 -22.25 15.64
CA ARG B 24 -2.27 -21.64 16.19
C ARG B 24 -1.85 -20.58 17.22
N PRO B 25 -1.81 -19.30 16.81
CA PRO B 25 -1.41 -18.21 17.71
C PRO B 25 -2.25 -18.11 18.97
N LYS B 26 -1.61 -17.73 20.08
CA LYS B 26 -2.32 -17.57 21.34
C LYS B 26 -3.12 -16.27 21.23
N PRO B 27 -4.05 -16.04 22.17
CA PRO B 27 -4.90 -14.84 22.17
C PRO B 27 -4.29 -13.48 21.80
N LEU B 28 -3.26 -13.04 22.51
CA LEU B 28 -2.67 -11.74 22.20
C LEU B 28 -2.11 -11.65 20.78
N LEU B 29 -1.35 -12.66 20.36
CA LEU B 29 -0.78 -12.64 19.01
C LEU B 29 -1.89 -12.67 17.96
N LEU B 30 -2.89 -13.52 18.17
CA LEU B 30 -4.01 -13.63 17.22
C LEU B 30 -4.72 -12.29 17.05
N LYS B 31 -5.04 -11.65 18.16
CA LYS B 31 -5.72 -10.36 18.14
C LYS B 31 -4.87 -9.36 17.36
N LEU B 32 -3.56 -9.42 17.56
CA LEU B 32 -2.63 -8.54 16.84
C LEU B 32 -2.66 -8.80 15.33
N LEU B 33 -2.58 -10.07 14.93
CA LEU B 33 -2.58 -10.41 13.50
C LEU B 33 -3.86 -9.95 12.80
N LYS B 34 -4.99 -10.16 13.46
CA LYS B 34 -6.28 -9.77 12.90
C LYS B 34 -6.41 -8.25 12.81
N SER B 35 -5.77 -7.54 13.73
CA SER B 35 -5.83 -6.09 13.75
C SER B 35 -5.25 -5.54 12.46
N VAL B 36 -4.45 -6.35 11.75
CA VAL B 36 -3.88 -5.88 10.50
C VAL B 36 -4.35 -6.67 9.27
N GLY B 37 -5.53 -7.27 9.36
CA GLY B 37 -6.08 -7.99 8.22
C GLY B 37 -6.11 -9.50 8.20
N ALA B 38 -5.45 -10.16 9.15
CA ALA B 38 -5.44 -11.63 9.18
C ALA B 38 -6.88 -12.09 9.38
N GLN B 39 -7.27 -13.17 8.71
CA GLN B 39 -8.64 -13.64 8.83
C GLN B 39 -8.81 -15.06 9.34
N LYS B 40 -7.72 -15.72 9.68
CA LYS B 40 -7.78 -17.12 10.14
C LYS B 40 -7.39 -17.32 11.59
N ASP B 41 -7.54 -18.56 12.05
CA ASP B 41 -7.16 -18.94 13.41
C ASP B 41 -5.85 -19.73 13.37
N THR B 42 -5.51 -20.23 12.19
CA THR B 42 -4.27 -20.97 12.03
C THR B 42 -3.52 -20.42 10.81
N TYR B 43 -2.20 -20.44 10.90
CA TYR B 43 -1.34 -19.91 9.85
C TYR B 43 -0.06 -20.69 9.74
N THR B 44 0.61 -20.56 8.59
CA THR B 44 1.92 -21.18 8.42
C THR B 44 2.79 -20.07 9.02
N MET B 45 4.00 -20.39 9.48
CA MET B 45 4.83 -19.35 10.07
C MET B 45 5.08 -18.20 9.09
N LYS B 46 5.28 -18.51 7.81
CA LYS B 46 5.53 -17.45 6.84
C LYS B 46 4.35 -16.45 6.74
N GLU B 47 3.14 -16.90 7.05
CA GLU B 47 1.99 -15.99 7.02
C GLU B 47 2.05 -15.13 8.27
N VAL B 48 2.39 -15.75 9.41
CA VAL B 48 2.50 -15.03 10.67
C VAL B 48 3.50 -13.90 10.53
N LEU B 49 4.66 -14.21 9.95
CA LEU B 49 5.70 -13.22 9.76
C LEU B 49 5.24 -12.10 8.83
N PHE B 50 4.43 -12.44 7.83
CA PHE B 50 3.93 -11.42 6.92
C PHE B 50 3.11 -10.39 7.70
N TYR B 51 2.14 -10.86 8.48
CA TYR B 51 1.30 -9.96 9.27
C TYR B 51 2.04 -9.21 10.36
N LEU B 52 3.06 -9.83 10.94
CA LEU B 52 3.84 -9.15 11.96
C LEU B 52 4.58 -8.00 11.29
N GLY B 53 5.05 -8.23 10.07
CA GLY B 53 5.74 -7.18 9.34
C GLY B 53 4.79 -6.02 9.08
N GLN B 54 3.57 -6.35 8.66
CA GLN B 54 2.56 -5.34 8.39
C GLN B 54 2.28 -4.55 9.67
N TYR B 55 2.24 -5.25 10.79
CA TYR B 55 2.00 -4.62 12.09
C TYR B 55 3.10 -3.59 12.33
N ILE B 56 4.34 -4.05 12.19
CA ILE B 56 5.49 -3.18 12.38
C ILE B 56 5.42 -1.94 11.47
N MET B 57 5.05 -2.12 10.21
CA MET B 57 4.93 -0.99 9.28
C MET B 57 3.83 -0.06 9.77
N THR B 58 2.63 -0.63 9.99
CA THR B 58 1.49 0.15 10.43
C THR B 58 1.74 1.04 11.63
N LYS B 59 2.42 0.51 12.63
CA LYS B 59 2.73 1.22 13.85
C LYS B 59 4.03 2.02 13.76
N ARG B 60 4.72 1.91 12.63
CA ARG B 60 5.96 2.65 12.42
C ARG B 60 6.95 2.45 13.57
N LEU B 61 7.19 1.20 13.92
CA LEU B 61 8.11 0.89 14.99
C LEU B 61 9.46 0.67 14.37
N TYR B 62 9.50 0.76 13.04
CA TYR B 62 10.71 0.55 12.26
C TYR B 62 11.29 1.90 11.84
N ASP B 63 11.84 2.60 12.84
CA ASP B 63 12.50 3.91 12.77
C ASP B 63 13.08 4.30 11.39
N GLU B 64 12.54 5.36 10.79
CA GLU B 64 13.00 5.83 9.47
C GLU B 64 14.52 6.04 9.37
N LYS B 65 15.20 6.11 10.51
CA LYS B 65 16.65 6.33 10.54
C LYS B 65 17.47 5.07 10.85
N GLN B 66 17.60 4.76 12.14
CA GLN B 66 18.36 3.60 12.67
C GLN B 66 18.36 2.25 11.94
N GLN B 67 19.57 1.79 11.65
CA GLN B 67 19.86 0.53 10.93
C GLN B 67 19.11 -0.78 11.18
N HIS B 68 17.92 -0.91 10.60
CA HIS B 68 17.12 -2.15 10.70
C HIS B 68 16.70 -2.56 12.10
N ILE B 69 16.50 -1.59 12.97
CA ILE B 69 16.09 -1.90 14.33
C ILE B 69 14.66 -1.52 14.62
N VAL B 70 13.92 -2.46 15.22
CA VAL B 70 12.54 -2.19 15.59
C VAL B 70 12.54 -1.88 17.08
N TYR B 71 11.91 -0.77 17.47
CA TYR B 71 11.83 -0.38 18.87
C TYR B 71 10.40 -0.67 19.30
N CYS B 72 10.24 -1.60 20.23
CA CYS B 72 8.91 -2.00 20.69
C CYS B 72 8.76 -2.00 22.20
N SER B 73 9.60 -1.22 22.89
CA SER B 73 9.59 -1.15 24.34
C SER B 73 8.32 -0.56 24.95
N ASN B 74 7.51 0.12 24.14
CA ASN B 74 6.29 0.73 24.64
C ASN B 74 5.12 0.33 23.76
N ASP B 75 5.17 -0.92 23.28
CA ASP B 75 4.16 -1.51 22.42
C ASP B 75 3.92 -2.95 22.88
N LEU B 76 2.71 -3.47 22.66
CA LEU B 76 2.40 -4.84 23.03
C LEU B 76 3.43 -5.80 22.44
N LEU B 77 3.90 -5.51 21.23
CA LEU B 77 4.87 -6.37 20.58
C LEU B 77 6.10 -6.63 21.46
N GLY B 78 6.59 -5.60 22.13
CA GLY B 78 7.76 -5.78 22.98
C GLY B 78 7.54 -6.83 24.05
N ASP B 79 6.33 -6.88 24.58
CA ASP B 79 6.01 -7.85 25.63
C ASP B 79 5.76 -9.24 25.12
N LEU B 80 5.26 -9.36 23.90
CA LEU B 80 5.04 -10.68 23.32
C LEU B 80 6.41 -11.30 23.01
N PHE B 81 7.30 -10.45 22.53
CA PHE B 81 8.65 -10.88 22.16
C PHE B 81 9.62 -10.91 23.34
N GLY B 82 9.31 -10.14 24.38
CA GLY B 82 10.16 -10.11 25.55
C GLY B 82 11.43 -9.27 25.41
N VAL B 83 11.44 -8.32 24.47
CA VAL B 83 12.58 -7.44 24.25
C VAL B 83 12.14 -6.00 24.00
N PRO B 84 13.03 -5.03 24.26
CA PRO B 84 12.75 -3.59 24.05
C PRO B 84 12.95 -3.21 22.61
N SER B 85 13.77 -3.99 21.91
CA SER B 85 14.06 -3.75 20.50
C SER B 85 14.77 -4.97 19.90
N PHE B 86 14.78 -5.06 18.58
CA PHE B 86 15.44 -6.18 17.91
C PHE B 86 15.74 -5.85 16.46
N SER B 87 16.64 -6.62 15.85
CA SER B 87 17.01 -6.42 14.46
C SER B 87 16.13 -7.22 13.51
N VAL B 88 15.70 -6.59 12.43
CA VAL B 88 14.84 -7.26 11.45
C VAL B 88 15.67 -8.25 10.63
N LYS B 89 16.99 -8.20 10.80
CA LYS B 89 17.88 -9.10 10.06
C LYS B 89 18.18 -10.40 10.81
N GLU B 90 17.88 -10.44 12.10
CA GLU B 90 18.11 -11.61 12.94
C GLU B 90 16.90 -12.53 12.92
N HIS B 91 16.73 -13.28 11.83
CA HIS B 91 15.57 -14.14 11.70
C HIS B 91 15.38 -15.27 12.71
N ARG B 92 16.45 -16.00 13.02
CA ARG B 92 16.33 -17.07 14.01
C ARG B 92 15.76 -16.50 15.32
N LYS B 93 16.34 -15.39 15.78
CA LYS B 93 15.88 -14.76 17.02
C LYS B 93 14.41 -14.38 16.92
N ILE B 94 14.01 -13.84 15.77
CA ILE B 94 12.61 -13.47 15.58
C ILE B 94 11.71 -14.72 15.72
N TYR B 95 12.09 -15.81 15.06
CA TYR B 95 11.31 -17.04 15.16
C TYR B 95 11.23 -17.50 16.61
N THR B 96 12.36 -17.43 17.30
CA THR B 96 12.41 -17.84 18.69
C THR B 96 11.42 -17.07 19.53
N MET B 97 11.42 -15.75 19.37
CA MET B 97 10.52 -14.91 20.14
C MET B 97 9.06 -15.17 19.75
N ILE B 98 8.82 -15.50 18.48
CA ILE B 98 7.46 -15.76 18.04
C ILE B 98 6.91 -17.07 18.61
N TYR B 99 7.75 -18.09 18.71
CA TYR B 99 7.32 -19.40 19.18
C TYR B 99 6.68 -19.37 20.57
N ARG B 100 7.05 -18.36 21.35
CA ARG B 100 6.53 -18.16 22.71
C ARG B 100 5.01 -17.87 22.69
N ASN B 101 4.52 -17.39 21.55
CA ASN B 101 3.11 -17.00 21.43
C ASN B 101 2.20 -17.88 20.55
N LEU B 102 2.47 -19.16 20.50
CA LEU B 102 1.64 -20.01 19.68
C LEU B 102 1.86 -21.47 20.04
N VAL B 103 1.06 -22.34 19.43
CA VAL B 103 1.19 -23.79 19.63
C VAL B 103 1.08 -24.37 18.24
N VAL B 104 1.90 -25.38 17.94
CA VAL B 104 1.88 -25.98 16.61
C VAL B 104 0.59 -26.76 16.38
N VAL B 105 0.17 -26.83 15.12
CA VAL B 105 -1.01 -27.59 14.73
C VAL B 105 -0.50 -28.86 14.07
N ASN B 106 -0.79 -30.01 14.65
CA ASN B 106 -0.31 -31.26 14.04
C ASN B 106 -1.40 -31.90 13.18
N VAL C 3 31.42 -30.02 34.75
CA VAL C 3 30.32 -30.94 35.16
C VAL C 3 30.87 -32.36 35.28
N PRO C 4 30.17 -33.24 35.99
CA PRO C 4 30.63 -34.63 36.17
C PRO C 4 30.74 -35.37 34.83
N THR C 5 29.63 -35.42 34.09
CA THR C 5 29.63 -36.09 32.79
C THR C 5 28.97 -35.20 31.74
N ASP C 6 29.13 -35.55 30.47
CA ASP C 6 28.55 -34.77 29.37
C ASP C 6 28.34 -35.69 28.16
N GLY C 7 27.53 -35.26 27.21
CA GLY C 7 27.28 -36.07 26.03
C GLY C 7 26.86 -35.25 24.83
N ALA C 8 27.00 -35.83 23.64
CA ALA C 8 26.64 -35.13 22.42
C ALA C 8 26.44 -36.11 21.28
N VAL C 9 25.45 -35.86 20.45
CA VAL C 9 25.18 -36.71 19.30
C VAL C 9 25.12 -35.82 18.06
N THR C 10 25.72 -36.27 16.96
CA THR C 10 25.71 -35.49 15.74
C THR C 10 25.14 -36.28 14.57
N THR C 11 24.80 -35.56 13.52
CA THR C 11 24.22 -36.17 12.33
C THR C 11 24.66 -35.45 11.07
N SER C 12 24.84 -36.19 9.98
CA SER C 12 25.24 -35.57 8.72
C SER C 12 24.05 -34.91 8.03
N GLN C 13 22.86 -35.04 8.63
CA GLN C 13 21.64 -34.46 8.06
C GLN C 13 21.49 -32.96 8.30
N ILE C 14 22.19 -32.43 9.30
CA ILE C 14 22.13 -31.02 9.69
C ILE C 14 23.54 -30.42 9.57
N PRO C 15 23.65 -29.13 9.21
CA PRO C 15 24.97 -28.51 9.09
C PRO C 15 25.72 -28.49 10.43
N ALA C 16 27.05 -28.66 10.39
CA ALA C 16 27.82 -28.67 11.63
C ALA C 16 27.61 -27.39 12.43
N SER C 17 27.52 -26.26 11.73
CA SER C 17 27.33 -24.97 12.40
C SER C 17 26.10 -24.94 13.29
N GLU C 18 25.01 -25.52 12.81
CA GLU C 18 23.77 -25.55 13.58
C GLU C 18 23.86 -26.43 14.81
N GLN C 19 24.57 -27.55 14.69
CA GLN C 19 24.71 -28.48 15.80
C GLN C 19 25.64 -27.93 16.89
N GLU C 20 26.53 -27.03 16.51
CA GLU C 20 27.47 -26.44 17.46
C GLU C 20 26.95 -25.14 18.10
N THR C 21 25.78 -24.70 17.67
CA THR C 21 25.18 -23.47 18.19
C THR C 21 24.80 -23.55 19.66
N LEU C 22 25.15 -22.51 20.41
CA LEU C 22 24.83 -22.45 21.83
C LEU C 22 23.39 -21.97 22.00
N VAL C 23 22.61 -22.69 22.79
CA VAL C 23 21.20 -22.33 23.04
C VAL C 23 20.82 -22.43 24.51
N ARG C 24 19.70 -21.80 24.85
CA ARG C 24 19.21 -21.82 26.23
C ARG C 24 17.79 -22.40 26.20
N PRO C 25 17.64 -23.64 26.67
CA PRO C 25 16.32 -24.28 26.68
C PRO C 25 15.32 -23.50 27.54
N LYS C 26 14.04 -23.54 27.16
CA LYS C 26 13.00 -22.87 27.94
C LYS C 26 12.81 -23.71 29.21
N PRO C 27 12.13 -23.18 30.24
CA PRO C 27 11.91 -23.91 31.50
C PRO C 27 11.57 -25.39 31.45
N LEU C 28 10.48 -25.74 30.75
CA LEU C 28 10.05 -27.12 30.68
C LEU C 28 11.06 -28.03 29.99
N LEU C 29 11.69 -27.54 28.93
CA LEU C 29 12.67 -28.33 28.24
C LEU C 29 13.85 -28.58 29.18
N LEU C 30 14.28 -27.53 29.86
CA LEU C 30 15.41 -27.62 30.79
C LEU C 30 15.12 -28.63 31.90
N LYS C 31 13.89 -28.63 32.40
CA LYS C 31 13.47 -29.54 33.46
C LYS C 31 13.65 -30.97 32.97
N LEU C 32 13.29 -31.19 31.71
CA LEU C 32 13.44 -32.52 31.12
C LEU C 32 14.91 -32.89 30.95
N LEU C 33 15.73 -31.95 30.51
CA LEU C 33 17.15 -32.25 30.33
C LEU C 33 17.81 -32.65 31.64
N LYS C 34 17.49 -31.93 32.70
CA LYS C 34 18.08 -32.22 34.00
C LYS C 34 17.50 -33.47 34.66
N SER C 35 16.39 -33.98 34.16
CA SER C 35 15.83 -35.18 34.76
C SER C 35 16.60 -36.39 34.27
N VAL C 36 17.51 -36.17 33.32
CA VAL C 36 18.32 -37.26 32.78
C VAL C 36 19.80 -36.98 32.91
N GLY C 37 20.16 -36.16 33.88
CA GLY C 37 21.57 -35.89 34.11
C GLY C 37 22.18 -34.58 33.63
N ALA C 38 21.46 -33.80 32.84
CA ALA C 38 22.00 -32.54 32.37
C ALA C 38 22.13 -31.60 33.57
N GLN C 39 23.24 -30.88 33.64
CA GLN C 39 23.46 -29.99 34.77
C GLN C 39 23.60 -28.49 34.51
N LYS C 40 23.72 -28.05 33.26
CA LYS C 40 23.85 -26.63 33.00
C LYS C 40 22.59 -25.93 32.52
N ASP C 41 22.71 -24.64 32.20
CA ASP C 41 21.58 -23.84 31.73
C ASP C 41 21.64 -23.57 30.22
N THR C 42 22.84 -23.61 29.65
CA THR C 42 23.00 -23.39 28.22
C THR C 42 23.74 -24.60 27.63
N TYR C 43 23.42 -24.93 26.38
CA TYR C 43 24.03 -26.08 25.72
C TYR C 43 24.21 -25.87 24.23
N THR C 44 24.99 -26.75 23.62
CA THR C 44 25.18 -26.73 22.17
C THR C 44 24.02 -27.62 21.75
N MET C 45 23.50 -27.43 20.55
CA MET C 45 22.38 -28.25 20.11
C MET C 45 22.67 -29.74 20.22
N LYS C 46 23.87 -30.15 19.81
CA LYS C 46 24.23 -31.56 19.88
C LYS C 46 24.15 -32.12 21.30
N GLU C 47 24.37 -31.27 22.30
CA GLU C 47 24.27 -31.71 23.69
C GLU C 47 22.79 -31.90 24.05
N VAL C 48 21.96 -30.97 23.61
CA VAL C 48 20.52 -31.08 23.89
C VAL C 48 20.00 -32.40 23.33
N LEU C 49 20.35 -32.69 22.08
CA LEU C 49 19.93 -33.91 21.41
C LEU C 49 20.41 -35.15 22.17
N PHE C 50 21.61 -35.06 22.74
CA PHE C 50 22.12 -36.19 23.50
C PHE C 50 21.19 -36.50 24.66
N TYR C 51 20.89 -35.49 25.47
CA TYR C 51 20.02 -35.69 26.61
C TYR C 51 18.61 -36.09 26.22
N LEU C 52 18.09 -35.50 25.15
CA LEU C 52 16.75 -35.88 24.71
C LEU C 52 16.78 -37.35 24.36
N GLY C 53 17.85 -37.79 23.71
CA GLY C 53 17.97 -39.19 23.37
C GLY C 53 17.98 -40.03 24.64
N GLN C 54 18.74 -39.59 25.63
CA GLN C 54 18.82 -40.31 26.89
C GLN C 54 17.45 -40.39 27.55
N TYR C 55 16.68 -39.31 27.45
CA TYR C 55 15.33 -39.31 28.03
C TYR C 55 14.50 -40.38 27.32
N ILE C 56 14.53 -40.38 25.98
CA ILE C 56 13.80 -41.36 25.18
C ILE C 56 14.20 -42.80 25.50
N MET C 57 15.49 -43.00 25.74
CA MET C 57 15.99 -44.32 26.07
C MET C 57 15.56 -44.80 27.46
N THR C 58 15.75 -43.96 28.47
CA THR C 58 15.40 -44.34 29.84
C THR C 58 13.90 -44.53 30.07
N LYS C 59 13.07 -43.73 29.39
CA LYS C 59 11.64 -43.89 29.57
C LYS C 59 11.04 -44.81 28.50
N ARG C 60 11.91 -45.36 27.66
CA ARG C 60 11.51 -46.29 26.59
C ARG C 60 10.30 -45.79 25.79
N LEU C 61 10.41 -44.60 25.22
CA LEU C 61 9.31 -44.02 24.45
C LEU C 61 9.24 -44.59 23.04
N TYR C 62 10.22 -45.41 22.64
CA TYR C 62 10.18 -46.02 21.32
C TYR C 62 9.34 -47.30 21.37
N ASP C 63 8.64 -47.65 20.29
CA ASP C 63 7.87 -48.88 20.31
C ASP C 63 8.82 -50.02 19.97
N GLU C 64 8.93 -51.00 20.86
CA GLU C 64 9.82 -52.14 20.63
C GLU C 64 9.60 -52.82 19.28
N LYS C 65 8.36 -52.79 18.82
CA LYS C 65 8.02 -53.41 17.54
C LYS C 65 8.33 -52.50 16.34
N GLN C 66 8.27 -51.19 16.58
CA GLN C 66 8.55 -50.20 15.53
C GLN C 66 9.59 -49.23 16.12
N GLN C 67 10.77 -49.79 16.37
CA GLN C 67 11.89 -49.07 16.98
C GLN C 67 12.27 -47.68 16.46
N HIS C 68 12.13 -47.45 15.15
CA HIS C 68 12.51 -46.16 14.59
C HIS C 68 11.48 -45.06 14.80
N ILE C 69 10.43 -45.36 15.56
CA ILE C 69 9.41 -44.36 15.81
C ILE C 69 9.34 -44.08 17.30
N VAL C 70 9.23 -42.81 17.66
CA VAL C 70 9.14 -42.46 19.06
C VAL C 70 7.72 -42.00 19.36
N TYR C 71 7.15 -42.58 20.41
CA TYR C 71 5.81 -42.21 20.83
C TYR C 71 5.90 -41.35 22.08
N CYS C 72 5.68 -40.05 21.88
CA CYS C 72 5.76 -39.11 22.98
C CYS C 72 4.39 -38.63 23.42
N SER C 73 3.35 -39.19 22.82
CA SER C 73 1.98 -38.86 23.15
C SER C 73 1.78 -39.09 24.64
N ASN C 74 1.05 -38.19 25.28
CA ASN C 74 0.75 -38.30 26.71
C ASN C 74 2.00 -38.32 27.61
N ASP C 75 3.08 -37.67 27.16
CA ASP C 75 4.31 -37.59 27.93
C ASP C 75 4.80 -36.15 27.80
N LEU C 76 5.62 -35.70 28.74
CA LEU C 76 6.11 -34.31 28.71
C LEU C 76 6.71 -33.98 27.34
N LEU C 77 7.47 -34.93 26.79
CA LEU C 77 8.10 -34.73 25.49
C LEU C 77 7.04 -34.39 24.45
N GLY C 78 5.96 -35.15 24.45
CA GLY C 78 4.88 -34.92 23.52
C GLY C 78 4.32 -33.52 23.70
N ASP C 79 4.25 -33.07 24.95
CA ASP C 79 3.74 -31.74 25.23
C ASP C 79 4.66 -30.65 24.68
N LEU C 80 5.97 -30.88 24.77
CA LEU C 80 6.94 -29.92 24.28
C LEU C 80 7.00 -29.89 22.77
N PHE C 81 7.09 -31.05 22.16
CA PHE C 81 7.19 -31.19 20.72
C PHE C 81 5.87 -30.94 19.98
N GLY C 82 4.75 -31.11 20.67
CA GLY C 82 3.46 -30.88 20.04
C GLY C 82 3.05 -31.92 19.02
N VAL C 83 3.57 -33.13 19.15
CA VAL C 83 3.24 -34.22 18.24
C VAL C 83 3.09 -35.50 19.05
N PRO C 84 2.33 -36.49 18.53
CA PRO C 84 2.17 -37.73 19.29
C PRO C 84 3.29 -38.72 19.00
N SER C 85 4.00 -38.52 17.91
CA SER C 85 5.10 -39.42 17.54
C SER C 85 5.95 -38.80 16.46
N PHE C 86 7.14 -39.36 16.26
CA PHE C 86 8.06 -38.88 15.24
C PHE C 86 9.15 -39.91 15.01
N SER C 87 9.71 -39.91 13.81
CA SER C 87 10.78 -40.84 13.45
C SER C 87 12.12 -40.34 13.97
N VAL C 88 12.94 -41.25 14.48
CA VAL C 88 14.25 -40.86 14.99
C VAL C 88 15.20 -40.60 13.81
N LYS C 89 14.78 -41.03 12.61
CA LYS C 89 15.60 -40.85 11.42
C LYS C 89 15.40 -39.53 10.67
N GLU C 90 14.41 -38.74 11.07
CA GLU C 90 14.16 -37.46 10.40
C GLU C 90 14.65 -36.32 11.28
N HIS C 91 15.93 -36.01 11.13
CA HIS C 91 16.59 -35.02 11.96
C HIS C 91 16.23 -33.54 11.82
N ARG C 92 15.94 -33.06 10.61
CA ARG C 92 15.57 -31.65 10.49
C ARG C 92 14.26 -31.41 11.26
N LYS C 93 13.35 -32.39 11.17
CA LYS C 93 12.07 -32.27 11.86
C LYS C 93 12.27 -32.18 13.37
N ILE C 94 13.20 -32.96 13.90
CA ILE C 94 13.49 -32.93 15.33
C ILE C 94 14.07 -31.55 15.68
N TYR C 95 15.01 -31.06 14.88
CA TYR C 95 15.57 -29.75 15.16
C TYR C 95 14.49 -28.67 15.21
N THR C 96 13.56 -28.73 14.28
CA THR C 96 12.49 -27.76 14.24
C THR C 96 11.66 -27.81 15.52
N MET C 97 11.38 -29.02 16.01
CA MET C 97 10.60 -29.14 17.24
C MET C 97 11.38 -28.59 18.43
N ILE C 98 12.68 -28.83 18.46
CA ILE C 98 13.48 -28.30 19.56
C ILE C 98 13.52 -26.76 19.49
N TYR C 99 13.67 -26.21 18.28
CA TYR C 99 13.72 -24.75 18.13
C TYR C 99 12.52 -24.02 18.72
N ARG C 100 11.38 -24.71 18.82
CA ARG C 100 10.19 -24.12 19.39
C ARG C 100 10.25 -24.09 20.90
N ASN C 101 11.27 -24.73 21.47
CA ASN C 101 11.40 -24.79 22.91
C ASN C 101 12.63 -24.11 23.47
N LEU C 102 13.05 -23.05 22.79
CA LEU C 102 14.21 -22.29 23.23
C LEU C 102 13.79 -20.84 23.50
N VAL C 103 14.67 -20.11 24.20
CA VAL C 103 14.44 -18.71 24.51
C VAL C 103 15.76 -18.04 24.10
N VAL C 104 15.72 -16.78 23.69
CA VAL C 104 16.95 -16.08 23.31
C VAL C 104 18.00 -16.36 24.39
N VAL C 105 19.24 -16.69 24.02
CA VAL C 105 20.22 -17.01 25.06
C VAL C 105 20.61 -15.88 26.02
N ASN C 106 20.68 -14.65 25.51
CA ASN C 106 21.09 -13.53 26.36
C ASN C 106 19.87 -12.78 26.89
N SER D 2 -22.16 18.75 24.72
CA SER D 2 -22.70 20.14 24.78
C SER D 2 -21.60 21.20 24.99
N VAL D 3 -21.42 22.10 24.01
CA VAL D 3 -20.41 23.15 24.09
C VAL D 3 -20.99 24.50 23.70
N PRO D 4 -20.32 25.62 24.06
CA PRO D 4 -20.86 26.94 23.70
C PRO D 4 -21.06 27.25 22.22
N THR D 5 -20.07 26.89 21.39
CA THR D 5 -20.14 27.15 19.96
C THR D 5 -19.54 25.99 19.18
N ASP D 6 -19.84 25.96 17.89
CA ASP D 6 -19.34 24.91 17.02
C ASP D 6 -19.33 25.41 15.58
N GLY D 7 -18.47 24.80 14.77
CA GLY D 7 -18.39 25.19 13.38
C GLY D 7 -17.97 24.02 12.51
N ALA D 8 -18.18 24.16 11.21
CA ALA D 8 -17.79 23.10 10.27
C ALA D 8 -17.74 23.64 8.86
N VAL D 9 -16.82 23.09 8.07
CA VAL D 9 -16.67 23.50 6.67
C VAL D 9 -16.58 22.26 5.81
N THR D 10 -17.31 22.23 4.70
CA THR D 10 -17.26 21.06 3.82
C THR D 10 -16.77 21.42 2.43
N THR D 11 -16.38 20.41 1.67
CA THR D 11 -15.84 20.61 0.32
C THR D 11 -16.29 19.52 -0.66
N SER D 12 -16.43 19.89 -1.93
CA SER D 12 -16.84 18.93 -2.95
C SER D 12 -15.68 18.00 -3.32
N GLN D 13 -14.47 18.39 -2.93
CA GLN D 13 -13.25 17.64 -3.23
C GLN D 13 -13.05 16.36 -2.41
N ILE D 14 -13.81 16.20 -1.33
CA ILE D 14 -13.71 15.05 -0.45
C ILE D 14 -15.07 14.38 -0.28
N PRO D 15 -15.11 13.04 -0.34
CA PRO D 15 -16.41 12.35 -0.17
C PRO D 15 -17.07 12.71 1.17
N ALA D 16 -18.38 12.93 1.13
CA ALA D 16 -19.16 13.32 2.31
C ALA D 16 -18.89 12.47 3.55
N SER D 17 -19.06 11.16 3.40
CA SER D 17 -18.83 10.24 4.51
C SER D 17 -17.51 10.48 5.23
N GLU D 18 -16.48 10.80 4.45
CA GLU D 18 -15.16 11.01 5.02
C GLU D 18 -15.10 12.27 5.88
N GLN D 19 -15.86 13.29 5.49
CA GLN D 19 -15.89 14.53 6.24
C GLN D 19 -16.74 14.41 7.51
N GLU D 20 -17.46 13.30 7.64
CA GLU D 20 -18.31 13.02 8.81
C GLU D 20 -17.63 12.10 9.81
N THR D 21 -16.45 11.60 9.47
CA THR D 21 -15.73 10.70 10.34
C THR D 21 -15.37 11.29 11.69
N LEU D 22 -15.64 10.55 12.76
CA LEU D 22 -15.32 11.03 14.09
C LEU D 22 -13.85 10.74 14.40
N VAL D 23 -13.14 11.73 14.92
CA VAL D 23 -11.73 11.57 15.22
C VAL D 23 -11.30 12.20 16.53
N ARG D 24 -10.14 11.79 17.06
CA ARG D 24 -9.64 12.41 18.28
C ARG D 24 -8.22 12.86 17.98
N PRO D 25 -7.93 14.14 18.20
CA PRO D 25 -6.61 14.74 17.94
C PRO D 25 -5.46 14.30 18.82
N LYS D 26 -4.26 14.34 18.25
CA LYS D 26 -3.07 13.99 18.98
C LYS D 26 -2.79 15.23 19.82
N PRO D 27 -1.92 15.13 20.82
CA PRO D 27 -1.61 16.28 21.67
C PRO D 27 -1.42 17.65 20.98
N LEU D 28 -0.59 17.70 19.95
CA LEU D 28 -0.34 18.97 19.25
C LEU D 28 -1.53 19.57 18.52
N LEU D 29 -2.24 18.75 17.78
CA LEU D 29 -3.41 19.24 17.05
C LEU D 29 -4.46 19.71 18.05
N LEU D 30 -4.61 18.96 19.13
CA LEU D 30 -5.59 19.33 20.15
C LEU D 30 -5.31 20.70 20.76
N LYS D 31 -4.04 21.00 21.06
CA LYS D 31 -3.74 22.30 21.65
C LYS D 31 -3.98 23.41 20.64
N LEU D 32 -3.78 23.10 19.36
CA LEU D 32 -4.02 24.10 18.33
C LEU D 32 -5.54 24.36 18.31
N LEU D 33 -6.32 23.28 18.22
CA LEU D 33 -7.78 23.41 18.20
C LEU D 33 -8.32 24.22 19.37
N LYS D 34 -7.84 23.91 20.56
CA LYS D 34 -8.30 24.61 21.75
C LYS D 34 -7.87 26.07 21.77
N SER D 35 -6.79 26.38 21.05
CA SER D 35 -6.29 27.74 21.00
C SER D 35 -7.25 28.66 20.23
N VAL D 36 -8.13 28.06 19.44
CA VAL D 36 -9.10 28.84 18.68
C VAL D 36 -10.55 28.55 19.09
N GLY D 37 -10.73 28.13 20.33
CA GLY D 37 -12.08 27.89 20.82
C GLY D 37 -12.65 26.49 20.92
N ALA D 38 -12.02 25.49 20.30
CA ALA D 38 -12.53 24.12 20.37
C ALA D 38 -12.56 23.63 21.82
N GLN D 39 -13.65 22.95 22.18
CA GLN D 39 -13.83 22.44 23.55
C GLN D 39 -14.29 20.99 23.63
N LYS D 40 -14.05 20.20 22.58
CA LYS D 40 -14.47 18.81 22.60
C LYS D 40 -13.30 17.84 22.68
N ASP D 41 -13.61 16.58 22.96
CA ASP D 41 -12.60 15.54 23.03
C ASP D 41 -12.54 14.87 21.67
N THR D 42 -13.70 14.76 21.02
CA THR D 42 -13.76 14.14 19.69
C THR D 42 -14.42 15.11 18.72
N TYR D 43 -14.05 15.02 17.45
CA TYR D 43 -14.59 15.90 16.42
C TYR D 43 -14.86 15.16 15.12
N THR D 44 -15.70 15.75 14.28
CA THR D 44 -15.96 15.20 12.97
C THR D 44 -14.85 15.87 12.14
N MET D 45 -14.43 15.26 11.03
CA MET D 45 -13.39 15.90 10.25
C MET D 45 -13.76 17.33 9.85
N LYS D 46 -14.99 17.54 9.42
CA LYS D 46 -15.41 18.89 9.02
C LYS D 46 -15.24 19.94 10.13
N GLU D 47 -15.42 19.53 11.38
CA GLU D 47 -15.23 20.45 12.50
C GLU D 47 -13.75 20.79 12.62
N VAL D 48 -12.91 19.78 12.51
CA VAL D 48 -11.45 19.96 12.59
C VAL D 48 -11.00 20.96 11.53
N LEU D 49 -11.48 20.77 10.30
CA LEU D 49 -11.13 21.67 9.20
C LEU D 49 -11.63 23.08 9.51
N PHE D 50 -12.78 23.19 10.15
CA PHE D 50 -13.27 24.52 10.50
C PHE D 50 -12.31 25.22 11.45
N TYR D 51 -11.92 24.54 12.53
CA TYR D 51 -11.03 25.15 13.50
C TYR D 51 -9.64 25.42 12.92
N LEU D 52 -9.16 24.53 12.07
CA LEU D 52 -7.85 24.77 11.47
C LEU D 52 -7.93 26.06 10.64
N GLY D 53 -9.04 26.22 9.91
CA GLY D 53 -9.23 27.40 9.11
C GLY D 53 -9.21 28.66 9.97
N GLN D 54 -9.87 28.59 11.12
CA GLN D 54 -9.91 29.72 12.05
C GLN D 54 -8.51 30.03 12.55
N TYR D 55 -7.73 28.98 12.76
CA TYR D 55 -6.36 29.15 13.23
C TYR D 55 -5.56 29.92 12.18
N ILE D 56 -5.69 29.50 10.93
CA ILE D 56 -4.99 30.12 9.83
C ILE D 56 -5.37 31.60 9.72
N MET D 57 -6.66 31.88 9.85
CA MET D 57 -7.17 33.24 9.78
C MET D 57 -6.69 34.09 10.95
N THR D 58 -6.84 33.57 12.17
CA THR D 58 -6.46 34.36 13.34
C THR D 58 -4.97 34.70 13.38
N LYS D 59 -4.10 33.82 12.90
CA LYS D 59 -2.67 34.12 12.90
C LYS D 59 -2.18 34.73 11.60
N ARG D 60 -3.13 35.12 10.74
CA ARG D 60 -2.80 35.75 9.47
C ARG D 60 -1.67 35.03 8.75
N LEU D 61 -1.76 33.70 8.68
CA LEU D 61 -0.76 32.90 8.01
C LEU D 61 -1.17 32.82 6.55
N TYR D 62 -2.26 33.51 6.23
CA TYR D 62 -2.83 33.52 4.89
C TYR D 62 -3.29 34.93 4.47
N HIS D 68 -3.27 32.07 -2.72
CA HIS D 68 -3.98 30.94 -2.12
C HIS D 68 -3.03 30.11 -1.25
N ILE D 69 -1.84 30.61 -1.03
CA ILE D 69 -0.85 29.88 -0.25
C ILE D 69 -0.77 30.27 1.22
N VAL D 70 -0.57 29.28 2.06
CA VAL D 70 -0.43 29.48 3.48
C VAL D 70 1.01 29.15 3.84
N TYR D 71 1.67 30.05 4.58
CA TYR D 71 3.04 29.83 5.01
C TYR D 71 3.02 29.44 6.47
N CYS D 72 3.08 28.14 6.71
CA CYS D 72 3.01 27.63 8.06
C CYS D 72 4.38 27.37 8.67
N SER D 73 5.42 27.57 7.89
CA SER D 73 6.76 27.35 8.37
C SER D 73 7.03 28.16 9.63
N ASN D 74 7.78 27.56 10.55
CA ASN D 74 8.13 28.21 11.81
C ASN D 74 6.93 28.53 12.70
N ASP D 75 5.85 27.77 12.54
CA ASP D 75 4.64 27.95 13.34
C ASP D 75 4.22 26.54 13.73
N LEU D 76 3.39 26.40 14.76
CA LEU D 76 2.95 25.07 15.17
C LEU D 76 2.30 24.31 14.01
N LEU D 77 1.51 25.02 13.22
CA LEU D 77 0.85 24.39 12.08
C LEU D 77 1.90 23.74 11.17
N GLY D 78 3.02 24.43 10.99
CA GLY D 78 4.08 23.91 10.15
C GLY D 78 4.60 22.59 10.66
N ASP D 79 4.84 22.51 11.96
CA ASP D 79 5.35 21.29 12.57
C ASP D 79 4.34 20.15 12.43
N LEU D 80 3.06 20.48 12.61
CA LEU D 80 2.00 19.49 12.52
C LEU D 80 1.86 18.90 11.14
N PHE D 81 1.92 19.76 10.13
CA PHE D 81 1.76 19.32 8.74
C PHE D 81 3.05 18.84 8.08
N GLY D 82 4.20 19.18 8.67
CA GLY D 82 5.47 18.76 8.11
C GLY D 82 5.85 19.40 6.79
N VAL D 83 5.32 20.60 6.52
CA VAL D 83 5.61 21.34 5.30
C VAL D 83 5.69 22.84 5.62
N PRO D 84 6.44 23.62 4.81
CA PRO D 84 6.57 25.06 5.07
C PRO D 84 5.40 25.86 4.50
N SER D 85 4.70 25.27 3.54
CA SER D 85 3.58 25.95 2.91
C SER D 85 2.65 25.00 2.19
N PHE D 86 1.50 25.52 1.77
CA PHE D 86 0.52 24.73 1.05
C PHE D 86 -0.66 25.55 0.55
N SER D 87 -1.33 25.04 -0.48
CA SER D 87 -2.47 25.74 -1.06
C SER D 87 -3.75 25.40 -0.30
N VAL D 88 -4.57 26.40 0.01
CA VAL D 88 -5.82 26.12 0.71
C VAL D 88 -6.83 25.54 -0.29
N LYS D 89 -6.44 25.42 -1.55
CA LYS D 89 -7.34 24.87 -2.58
C LYS D 89 -7.14 23.37 -2.82
N GLU D 90 -6.05 22.83 -2.29
CA GLU D 90 -5.72 21.41 -2.45
C GLU D 90 -6.16 20.64 -1.20
N HIS D 91 -7.45 20.32 -1.19
CA HIS D 91 -8.09 19.66 -0.05
C HIS D 91 -7.68 18.23 0.30
N ARG D 92 -7.42 17.39 -0.70
CA ARG D 92 -6.99 16.04 -0.37
C ARG D 92 -5.63 16.09 0.34
N LYS D 93 -4.74 16.95 -0.17
CA LYS D 93 -3.42 17.11 0.43
C LYS D 93 -3.57 17.57 1.88
N ILE D 94 -4.52 18.48 2.11
CA ILE D 94 -4.77 18.98 3.45
C ILE D 94 -5.29 17.83 4.33
N TYR D 95 -6.26 17.07 3.83
CA TYR D 95 -6.78 15.95 4.60
C TYR D 95 -5.66 14.99 4.99
N THR D 96 -4.78 14.69 4.03
CA THR D 96 -3.67 13.79 4.27
C THR D 96 -2.77 14.29 5.40
N MET D 97 -2.46 15.59 5.38
CA MET D 97 -1.62 16.16 6.42
C MET D 97 -2.30 16.15 7.78
N ILE D 98 -3.60 16.41 7.80
CA ILE D 98 -4.33 16.41 9.05
C ILE D 98 -4.41 15.01 9.64
N TYR D 99 -4.58 14.01 8.78
CA TYR D 99 -4.69 12.62 9.24
C TYR D 99 -3.47 12.13 10.05
N ARG D 100 -2.29 12.62 9.72
CA ARG D 100 -1.10 12.22 10.45
C ARG D 100 -1.14 12.69 11.89
N ASN D 101 -2.05 13.62 12.18
CA ASN D 101 -2.16 14.19 13.53
C ASN D 101 -3.40 13.79 14.32
N LEU D 102 -4.03 12.70 13.90
CA LEU D 102 -5.21 12.23 14.61
C LEU D 102 -5.46 10.74 14.39
N VAL D 103 -6.40 10.20 15.16
CA VAL D 103 -6.75 8.79 15.07
C VAL D 103 -8.26 8.68 15.10
N VAL D 104 -8.80 7.79 14.28
CA VAL D 104 -10.23 7.60 14.21
C VAL D 104 -10.78 7.07 15.54
N VAL D 105 -12.07 7.32 15.78
CA VAL D 105 -12.72 6.86 16.99
C VAL D 105 -13.42 5.54 16.74
N SER E 2 10.73 35.07 -8.69
CA SER E 2 11.29 34.28 -9.83
C SER E 2 12.27 33.19 -9.37
N VAL E 3 13.13 32.72 -10.27
CA VAL E 3 14.08 31.68 -9.91
C VAL E 3 15.49 32.07 -10.34
N PRO E 4 16.51 31.34 -9.85
CA PRO E 4 17.90 31.62 -10.20
C PRO E 4 18.18 31.60 -11.70
N THR E 5 17.66 30.58 -12.38
CA THR E 5 17.87 30.42 -13.81
C THR E 5 16.60 29.88 -14.45
N ASP E 6 16.51 29.98 -15.77
CA ASP E 6 15.37 29.50 -16.51
C ASP E 6 15.82 29.27 -17.95
N GLY E 7 15.04 28.48 -18.67
CA GLY E 7 15.36 28.18 -20.06
C GLY E 7 14.09 27.89 -20.81
N ALA E 8 14.12 28.11 -22.12
CA ALA E 8 12.94 27.88 -22.94
C ALA E 8 13.35 27.67 -24.37
N VAL E 9 12.65 26.76 -25.05
CA VAL E 9 12.92 26.50 -26.47
C VAL E 9 11.58 26.58 -27.22
N THR E 10 11.59 27.28 -28.36
CA THR E 10 10.37 27.43 -29.14
C THR E 10 10.55 26.85 -30.54
N THR E 11 9.44 26.53 -31.19
CA THR E 11 9.49 25.94 -32.52
C THR E 11 8.42 26.55 -33.40
N SER E 12 8.66 26.54 -34.70
CA SER E 12 7.70 27.08 -35.64
C SER E 12 6.56 26.11 -35.87
N GLN E 13 6.74 24.86 -35.44
CA GLN E 13 5.74 23.81 -35.64
C GLN E 13 4.52 23.86 -34.73
N ILE E 14 4.57 24.71 -33.70
CA ILE E 14 3.49 24.87 -32.72
C ILE E 14 3.19 26.36 -32.57
N PRO E 15 1.90 26.75 -32.55
CA PRO E 15 1.60 28.17 -32.40
C PRO E 15 2.20 28.79 -31.14
N ALA E 16 2.68 30.02 -31.27
CA ALA E 16 3.33 30.74 -30.17
C ALA E 16 2.54 30.65 -28.88
N SER E 17 1.30 31.11 -28.93
CA SER E 17 0.44 31.12 -27.75
C SER E 17 0.36 29.79 -27.03
N GLU E 18 0.47 28.69 -27.76
CA GLU E 18 0.38 27.39 -27.11
C GLU E 18 1.63 27.03 -26.32
N GLN E 19 2.78 27.51 -26.78
CA GLN E 19 4.03 27.22 -26.10
C GLN E 19 4.16 28.06 -24.84
N GLU E 20 3.31 29.07 -24.71
CA GLU E 20 3.31 29.93 -23.54
C GLU E 20 2.36 29.40 -22.47
N THR E 21 1.71 28.27 -22.75
CA THR E 21 0.76 27.71 -21.80
C THR E 21 1.40 27.40 -20.46
N LEU E 22 0.73 27.80 -19.39
CA LEU E 22 1.22 27.56 -18.04
C LEU E 22 0.69 26.19 -17.60
N VAL E 23 1.60 25.32 -17.16
CA VAL E 23 1.21 23.99 -16.74
C VAL E 23 1.89 23.54 -15.44
N ARG E 24 1.33 22.50 -14.81
CA ARG E 24 1.86 21.95 -13.58
C ARG E 24 2.14 20.47 -13.81
N PRO E 25 3.42 20.12 -14.07
CA PRO E 25 3.83 18.73 -14.32
C PRO E 25 3.37 17.77 -13.23
N LYS E 26 3.12 16.53 -13.61
CA LYS E 26 2.73 15.53 -12.64
C LYS E 26 4.02 14.97 -12.04
N PRO E 27 3.93 14.18 -10.97
CA PRO E 27 5.11 13.59 -10.31
C PRO E 27 6.30 13.18 -11.17
N LEU E 28 6.11 12.19 -12.04
CA LEU E 28 7.22 11.71 -12.86
C LEU E 28 7.90 12.80 -13.69
N LEU E 29 7.10 13.57 -14.42
CA LEU E 29 7.63 14.64 -15.26
C LEU E 29 8.40 15.66 -14.41
N LEU E 30 7.81 16.03 -13.28
CA LEU E 30 8.43 16.99 -12.38
C LEU E 30 9.79 16.47 -11.94
N LYS E 31 9.87 15.18 -11.60
CA LYS E 31 11.13 14.57 -11.15
C LYS E 31 12.20 14.69 -12.24
N LEU E 32 11.81 14.44 -13.48
CA LEU E 32 12.76 14.52 -14.58
C LEU E 32 13.24 15.97 -14.82
N LEU E 33 12.34 16.93 -14.66
CA LEU E 33 12.70 18.33 -14.86
C LEU E 33 13.67 18.78 -13.77
N LYS E 34 13.35 18.41 -12.53
CA LYS E 34 14.19 18.80 -11.39
C LYS E 34 15.55 18.11 -11.41
N SER E 35 15.63 16.94 -12.03
CA SER E 35 16.89 16.23 -12.09
C SER E 35 17.89 17.00 -12.95
N VAL E 36 17.40 17.92 -13.77
CA VAL E 36 18.32 18.72 -14.58
C VAL E 36 18.32 20.21 -14.25
N GLY E 37 17.98 20.56 -13.02
CA GLY E 37 18.03 21.95 -12.64
C GLY E 37 16.78 22.78 -12.48
N ALA E 38 15.62 22.24 -12.85
CA ALA E 38 14.39 23.00 -12.70
C ALA E 38 14.08 23.12 -11.22
N GLN E 39 13.55 24.26 -10.80
CA GLN E 39 13.25 24.45 -9.38
C GLN E 39 11.82 24.90 -9.12
N LYS E 40 10.99 24.92 -10.15
CA LYS E 40 9.61 25.35 -10.01
C LYS E 40 8.65 24.18 -9.99
N ASP E 41 7.39 24.47 -9.68
CA ASP E 41 6.34 23.47 -9.69
C ASP E 41 5.43 23.75 -10.87
N THR E 42 5.51 24.98 -11.39
CA THR E 42 4.70 25.36 -12.54
C THR E 42 5.61 25.94 -13.63
N TYR E 43 5.30 25.62 -14.89
CA TYR E 43 6.11 26.07 -16.00
C TYR E 43 5.27 26.42 -17.22
N THR E 44 5.90 27.04 -18.21
CA THR E 44 5.22 27.35 -19.46
C THR E 44 5.71 26.18 -20.30
N MET E 45 4.96 25.80 -21.32
CA MET E 45 5.37 24.67 -22.15
C MET E 45 6.77 24.81 -22.71
N LYS E 46 7.14 26.01 -23.16
CA LYS E 46 8.46 26.21 -23.72
C LYS E 46 9.58 25.92 -22.71
N GLU E 47 9.29 26.11 -21.42
CA GLU E 47 10.25 25.83 -20.36
C GLU E 47 10.35 24.31 -20.16
N VAL E 48 9.19 23.65 -20.16
CA VAL E 48 9.15 22.20 -20.01
C VAL E 48 9.96 21.56 -21.14
N LEU E 49 9.78 22.04 -22.36
CA LEU E 49 10.50 21.49 -23.50
C LEU E 49 12.01 21.71 -23.33
N PHE E 50 12.38 22.88 -22.81
CA PHE E 50 13.79 23.18 -22.61
C PHE E 50 14.44 22.13 -21.70
N TYR E 51 13.88 21.94 -20.51
CA TYR E 51 14.45 20.99 -19.57
C TYR E 51 14.41 19.54 -20.07
N LEU E 52 13.37 19.17 -20.80
CA LEU E 52 13.32 17.82 -21.34
C LEU E 52 14.48 17.67 -22.33
N GLY E 53 14.76 18.72 -23.07
CA GLY E 53 15.85 18.68 -24.01
C GLY E 53 17.17 18.52 -23.26
N GLN E 54 17.29 19.17 -22.12
CA GLN E 54 18.51 19.05 -21.32
C GLN E 54 18.63 17.64 -20.78
N TYR E 55 17.51 17.09 -20.32
CA TYR E 55 17.47 15.74 -19.77
C TYR E 55 17.95 14.72 -20.79
N ILE E 56 17.44 14.84 -22.02
CA ILE E 56 17.81 13.95 -23.11
C ILE E 56 19.31 13.98 -23.43
N MET E 57 19.91 15.17 -23.41
CA MET E 57 21.33 15.28 -23.70
C MET E 57 22.21 14.83 -22.54
N THR E 58 21.77 15.03 -21.30
CA THR E 58 22.57 14.59 -20.16
C THR E 58 22.57 13.07 -20.02
N LYS E 59 21.42 12.44 -20.26
CA LYS E 59 21.30 10.99 -20.18
C LYS E 59 21.82 10.34 -21.47
N ARG E 60 22.21 11.18 -22.42
CA ARG E 60 22.74 10.71 -23.70
C ARG E 60 21.82 9.73 -24.42
N LEU E 61 20.55 10.07 -24.47
CA LEU E 61 19.55 9.25 -25.13
C LEU E 61 19.50 9.60 -26.60
N TYR E 62 20.05 10.77 -26.94
CA TYR E 62 20.05 11.28 -28.31
C TYR E 62 21.44 11.28 -28.94
N GLN E 67 20.52 10.74 -34.46
CA GLN E 67 20.02 10.84 -35.83
C GLN E 67 18.55 11.26 -35.80
N HIS E 68 18.28 12.28 -34.98
CA HIS E 68 16.93 12.82 -34.84
C HIS E 68 16.07 11.87 -34.01
N ILE E 69 16.56 10.66 -33.76
CA ILE E 69 15.77 9.72 -32.98
C ILE E 69 16.30 9.49 -31.57
N VAL E 70 15.38 9.57 -30.61
CA VAL E 70 15.71 9.36 -29.21
C VAL E 70 15.27 7.93 -28.85
N TYR E 71 16.13 7.24 -28.10
CA TYR E 71 15.81 5.89 -27.65
C TYR E 71 15.65 5.91 -26.15
N CYS E 72 14.42 5.77 -25.71
CA CYS E 72 14.09 5.84 -24.28
C CYS E 72 13.40 4.65 -23.65
N SER E 73 13.42 3.50 -24.33
CA SER E 73 12.80 2.29 -23.81
C SER E 73 13.34 1.84 -22.45
N ASN E 74 14.58 2.18 -22.15
CA ASN E 74 15.13 1.77 -20.86
C ASN E 74 15.29 2.88 -19.85
N ASP E 75 14.76 4.04 -20.21
CA ASP E 75 14.83 5.23 -19.37
C ASP E 75 13.44 5.62 -18.90
N LEU E 76 13.36 6.30 -17.76
CA LEU E 76 12.07 6.73 -17.23
C LEU E 76 11.32 7.53 -18.29
N LEU E 77 12.08 8.13 -19.20
CA LEU E 77 11.48 8.92 -20.27
C LEU E 77 10.56 8.04 -21.10
N GLY E 78 10.93 6.77 -21.24
CA GLY E 78 10.10 5.84 -21.99
C GLY E 78 8.76 5.67 -21.29
N ASP E 79 8.81 5.62 -19.97
CA ASP E 79 7.63 5.48 -19.16
C ASP E 79 6.78 6.75 -19.27
N LEU E 80 7.45 7.90 -19.35
CA LEU E 80 6.78 9.19 -19.46
C LEU E 80 5.94 9.29 -20.74
N PHE E 81 6.57 9.04 -21.88
CA PHE E 81 5.93 9.14 -23.18
C PHE E 81 5.20 7.90 -23.65
N GLY E 82 5.46 6.77 -23.01
CA GLY E 82 4.81 5.54 -23.41
C GLY E 82 5.25 5.07 -24.78
N VAL E 83 6.52 5.31 -25.12
CA VAL E 83 7.08 4.88 -26.39
C VAL E 83 8.54 4.50 -26.18
N PRO E 84 9.07 3.57 -26.99
CA PRO E 84 10.46 3.13 -26.87
C PRO E 84 11.42 4.10 -27.57
N SER E 85 10.88 4.91 -28.47
CA SER E 85 11.70 5.89 -29.19
C SER E 85 10.83 6.88 -29.94
N PHE E 86 11.44 7.97 -30.40
CA PHE E 86 10.72 9.01 -31.14
C PHE E 86 11.68 10.01 -31.80
N SER E 87 11.15 10.79 -32.75
CA SER E 87 11.93 11.78 -33.47
C SER E 87 11.89 13.15 -32.81
N VAL E 88 13.05 13.77 -32.67
CA VAL E 88 13.10 15.09 -32.06
C VAL E 88 12.55 16.14 -33.01
N LYS E 89 12.34 15.75 -34.27
CA LYS E 89 11.83 16.69 -35.26
C LYS E 89 10.29 16.73 -35.32
N GLU E 90 9.63 15.74 -34.74
CA GLU E 90 8.16 15.70 -34.75
C GLU E 90 7.57 16.30 -33.49
N HIS E 91 7.49 17.62 -33.51
CA HIS E 91 7.03 18.43 -32.37
C HIS E 91 5.59 18.31 -31.89
N ARG E 92 4.62 18.17 -32.78
CA ARG E 92 3.23 18.03 -32.33
C ARG E 92 3.11 16.76 -31.50
N LYS E 93 3.73 15.70 -31.99
CA LYS E 93 3.70 14.41 -31.32
C LYS E 93 4.33 14.51 -29.93
N ILE E 94 5.46 15.19 -29.84
CA ILE E 94 6.15 15.37 -28.57
C ILE E 94 5.22 16.12 -27.63
N TYR E 95 4.62 17.19 -28.13
CA TYR E 95 3.70 17.97 -27.32
C TYR E 95 2.55 17.07 -26.83
N THR E 96 2.04 16.21 -27.71
CA THR E 96 0.95 15.32 -27.36
C THR E 96 1.35 14.32 -26.27
N MET E 97 2.58 13.84 -26.33
CA MET E 97 3.03 12.89 -25.33
C MET E 97 3.25 13.56 -23.97
N ILE E 98 3.67 14.83 -24.00
CA ILE E 98 3.90 15.58 -22.77
C ILE E 98 2.60 15.98 -22.07
N TYR E 99 1.58 16.33 -22.84
CA TYR E 99 0.31 16.75 -22.26
C TYR E 99 -0.29 15.72 -21.31
N ARG E 100 -0.09 14.44 -21.61
CA ARG E 100 -0.60 13.35 -20.79
C ARG E 100 -0.01 13.48 -19.38
N ASN E 101 1.16 14.08 -19.30
CA ASN E 101 1.87 14.19 -18.02
C ASN E 101 1.80 15.48 -17.23
N LEU E 102 0.74 16.26 -17.45
CA LEU E 102 0.60 17.51 -16.73
C LEU E 102 -0.87 17.93 -16.60
N VAL E 103 -1.07 19.04 -15.89
CA VAL E 103 -2.37 19.64 -15.66
C VAL E 103 -2.21 21.13 -15.97
N VAL E 104 -3.12 21.71 -16.74
CA VAL E 104 -3.04 23.12 -17.07
C VAL E 104 -3.34 24.00 -15.85
N VAL E 105 -2.76 25.20 -15.81
CA VAL E 105 -2.99 26.12 -14.69
C VAL E 105 -3.83 27.31 -15.17
N ASN E 106 -4.97 27.55 -14.53
CA ASN E 106 -5.84 28.67 -14.95
C ASN E 106 -6.01 29.70 -13.85
N SER F 2 -3.06 -4.19 56.60
CA SER F 2 -3.77 -3.49 57.71
C SER F 2 -4.60 -2.33 57.16
N VAL F 3 -5.52 -2.62 56.24
CA VAL F 3 -6.39 -1.61 55.66
C VAL F 3 -7.80 -2.17 55.58
N PRO F 4 -8.81 -1.28 55.55
CA PRO F 4 -10.23 -1.66 55.47
C PRO F 4 -10.66 -2.30 54.15
N THR F 5 -10.13 -1.81 53.04
CA THR F 5 -10.46 -2.38 51.74
C THR F 5 -9.24 -2.35 50.83
N ASP F 6 -9.26 -3.18 49.79
CA ASP F 6 -8.15 -3.25 48.84
C ASP F 6 -8.65 -3.75 47.49
N GLY F 7 -7.88 -3.47 46.44
CA GLY F 7 -8.25 -3.91 45.12
C GLY F 7 -7.04 -4.07 44.21
N ALA F 8 -7.20 -4.86 43.15
CA ALA F 8 -6.12 -5.08 42.18
C ALA F 8 -6.69 -5.52 40.86
N VAL F 9 -6.03 -5.14 39.78
CA VAL F 9 -6.44 -5.54 38.44
C VAL F 9 -5.20 -6.07 37.73
N THR F 10 -5.34 -7.16 36.99
CA THR F 10 -4.20 -7.72 36.25
C THR F 10 -4.55 -7.87 34.77
N THR F 11 -3.51 -7.90 33.94
CA THR F 11 -3.68 -8.04 32.50
C THR F 11 -2.77 -9.11 31.92
N SER F 12 -3.17 -9.67 30.78
CA SER F 12 -2.35 -10.69 30.16
C SER F 12 -1.24 -10.04 29.32
N GLN F 13 -1.36 -8.73 29.12
CA GLN F 13 -0.41 -7.97 28.32
C GLN F 13 0.93 -7.65 29.00
N ILE F 14 0.97 -7.77 30.32
CA ILE F 14 2.15 -7.47 31.14
C ILE F 14 2.60 -8.71 31.93
N PRO F 15 3.91 -8.96 32.04
CA PRO F 15 4.39 -10.13 32.79
C PRO F 15 3.82 -10.13 34.21
N ALA F 16 3.40 -11.29 34.70
CA ALA F 16 2.80 -11.36 36.02
C ALA F 16 3.71 -10.77 37.10
N SER F 17 4.99 -11.12 37.04
CA SER F 17 5.96 -10.64 38.02
C SER F 17 6.02 -9.14 38.10
N GLU F 18 5.97 -8.48 36.95
CA GLU F 18 6.03 -7.02 36.91
C GLU F 18 4.83 -6.40 37.61
N GLN F 19 3.67 -7.04 37.52
CA GLN F 19 2.49 -6.49 38.16
C GLN F 19 2.50 -6.67 39.69
N GLU F 20 3.38 -7.52 40.20
CA GLU F 20 3.49 -7.73 41.63
C GLU F 20 4.54 -6.79 42.23
N THR F 21 5.16 -5.99 41.37
CA THR F 21 6.20 -5.05 41.78
C THR F 21 5.81 -4.01 42.82
N LEU F 22 6.60 -3.91 43.88
CA LEU F 22 6.33 -2.93 44.93
C LEU F 22 6.81 -1.55 44.49
N VAL F 23 5.98 -0.53 44.67
CA VAL F 23 6.35 0.83 44.28
C VAL F 23 5.88 1.88 45.27
N ARG F 24 6.50 3.06 45.20
CA ARG F 24 6.16 4.20 46.06
C ARG F 24 5.75 5.36 45.16
N PRO F 25 4.45 5.68 45.10
CA PRO F 25 3.95 6.78 44.26
C PRO F 25 4.48 8.13 44.69
N LYS F 26 4.90 8.95 43.73
CA LYS F 26 5.39 10.27 44.06
C LYS F 26 4.22 11.04 44.69
N PRO F 27 4.47 12.23 45.24
CA PRO F 27 3.43 13.03 45.88
C PRO F 27 2.06 13.19 45.20
N LEU F 28 2.06 13.64 43.95
CA LEU F 28 0.80 13.85 43.25
C LEU F 28 -0.04 12.60 43.01
N LEU F 29 0.60 11.55 42.53
CA LEU F 29 -0.08 10.28 42.27
C LEU F 29 -0.62 9.68 43.55
N LEU F 30 0.14 9.82 44.64
CA LEU F 30 -0.29 9.27 45.91
C LEU F 30 -1.55 9.98 46.40
N LYS F 31 -1.59 11.29 46.24
CA LYS F 31 -2.75 12.06 46.67
C LYS F 31 -3.97 11.62 45.87
N LEU F 32 -3.73 11.37 44.59
CA LEU F 32 -4.79 10.93 43.70
C LEU F 32 -5.35 9.57 44.14
N LEU F 33 -4.47 8.62 44.41
CA LEU F 33 -4.89 7.30 44.85
C LEU F 33 -5.65 7.38 46.17
N LYS F 34 -5.20 8.27 47.05
CA LYS F 34 -5.86 8.40 48.34
C LYS F 34 -7.25 9.02 48.23
N SER F 35 -7.47 9.74 47.14
CA SER F 35 -8.75 10.39 46.89
C SER F 35 -9.84 9.36 46.57
N VAL F 36 -9.43 8.11 46.34
CA VAL F 36 -10.38 7.04 46.03
C VAL F 36 -10.31 5.87 47.01
N GLY F 37 -9.96 6.17 48.26
CA GLY F 37 -9.93 5.12 49.27
C GLY F 37 -8.63 4.38 49.55
N ALA F 38 -7.55 4.71 48.86
CA ALA F 38 -6.28 4.02 49.12
C ALA F 38 -5.70 4.54 50.43
N GLN F 39 -5.08 3.68 51.22
CA GLN F 39 -4.54 4.13 52.49
C GLN F 39 -3.03 3.94 52.68
N LYS F 40 -2.46 3.05 51.89
CA LYS F 40 -1.02 2.75 51.98
C LYS F 40 -0.10 3.78 51.36
N ASP F 41 1.20 3.59 51.60
CA ASP F 41 2.22 4.47 51.05
C ASP F 41 3.02 3.66 50.05
N THR F 42 2.94 2.34 50.15
CA THR F 42 3.64 1.43 49.25
C THR F 42 2.61 0.45 48.67
N TYR F 43 2.62 0.29 47.35
CA TYR F 43 1.67 -0.59 46.67
C TYR F 43 2.33 -1.55 45.68
N THR F 44 1.54 -2.49 45.17
CA THR F 44 2.01 -3.38 44.14
C THR F 44 1.47 -2.67 42.90
N MET F 45 2.10 -2.85 41.75
CA MET F 45 1.62 -2.17 40.55
C MET F 45 0.15 -2.46 40.29
N LYS F 46 -0.27 -3.70 40.49
CA LYS F 46 -1.67 -4.06 40.24
C LYS F 46 -2.67 -3.35 41.15
N GLU F 47 -2.24 -2.92 42.34
CA GLU F 47 -3.14 -2.19 43.23
C GLU F 47 -3.24 -0.78 42.67
N VAL F 48 -2.09 -0.23 42.28
CA VAL F 48 -2.06 1.12 41.72
C VAL F 48 -3.02 1.21 40.52
N LEU F 49 -2.92 0.25 39.61
CA LEU F 49 -3.80 0.24 38.45
C LEU F 49 -5.27 0.17 38.89
N PHE F 50 -5.54 -0.57 39.96
CA PHE F 50 -6.92 -0.67 40.42
C PHE F 50 -7.49 0.68 40.85
N TYR F 51 -6.75 1.39 41.70
CA TYR F 51 -7.22 2.69 42.18
C TYR F 51 -7.29 3.72 41.06
N LEU F 52 -6.34 3.64 40.13
CA LEU F 52 -6.36 4.56 38.99
C LEU F 52 -7.63 4.29 38.21
N GLY F 53 -7.92 3.02 37.97
CA GLY F 53 -9.12 2.67 37.23
C GLY F 53 -10.34 3.22 37.97
N GLN F 54 -10.32 3.11 39.29
CA GLN F 54 -11.42 3.61 40.11
C GLN F 54 -11.56 5.12 39.99
N TYR F 55 -10.43 5.81 40.07
CA TYR F 55 -10.39 7.27 39.93
C TYR F 55 -11.01 7.66 38.58
N ILE F 56 -10.58 6.98 37.53
CA ILE F 56 -11.10 7.26 36.19
C ILE F 56 -12.62 7.13 36.12
N MET F 57 -13.16 6.09 36.73
CA MET F 57 -14.61 5.87 36.71
C MET F 57 -15.35 6.93 37.53
N THR F 58 -14.88 7.21 38.75
CA THR F 58 -15.57 8.18 39.57
C THR F 58 -15.52 9.61 39.04
N LYS F 59 -14.56 9.92 38.18
CA LYS F 59 -14.47 11.27 37.61
C LYS F 59 -15.11 11.27 36.23
N ARG F 60 -15.68 10.12 35.87
CA ARG F 60 -16.35 9.89 34.59
C ARG F 60 -15.50 10.33 33.39
N LEU F 61 -14.27 9.83 33.35
CA LEU F 61 -13.37 10.16 32.28
C LEU F 61 -13.39 9.10 31.19
N TYR F 62 -14.15 8.03 31.43
CA TYR F 62 -14.30 6.90 30.49
C TYR F 62 -15.77 6.54 30.24
N GLN F 67 -15.61 4.42 23.40
CA GLN F 67 -14.75 3.91 22.33
C GLN F 67 -13.44 3.39 22.91
N HIS F 68 -13.45 3.04 24.19
CA HIS F 68 -12.26 2.53 24.89
C HIS F 68 -11.26 3.63 25.20
N ILE F 69 -11.68 4.89 25.13
CA ILE F 69 -10.75 6.00 25.38
C ILE F 69 -11.06 6.81 26.63
N VAL F 70 -10.00 7.14 27.37
CA VAL F 70 -10.10 7.97 28.55
C VAL F 70 -9.72 9.37 28.12
N TYR F 71 -10.52 10.35 28.54
CA TYR F 71 -10.24 11.75 28.23
C TYR F 71 -9.90 12.41 29.55
N CYS F 72 -8.62 12.74 29.70
CA CYS F 72 -8.08 13.33 30.92
C CYS F 72 -7.47 14.70 30.67
N SER F 73 -7.85 15.27 29.54
CA SER F 73 -7.39 16.58 29.10
C SER F 73 -7.48 17.69 30.14
N ASN F 74 -8.58 17.70 30.89
CA ASN F 74 -8.80 18.73 31.93
C ASN F 74 -8.90 18.13 33.31
N ASP F 75 -7.98 17.24 33.63
CA ASP F 75 -7.97 16.59 34.93
C ASP F 75 -6.53 16.39 35.36
N LEU F 76 -6.32 16.21 36.66
CA LEU F 76 -4.99 16.00 37.20
C LEU F 76 -4.33 14.79 36.51
N LEU F 77 -5.14 13.80 36.14
CA LEU F 77 -4.63 12.61 35.48
C LEU F 77 -3.86 12.96 34.21
N GLY F 78 -4.39 13.91 33.46
CA GLY F 78 -3.73 14.33 32.24
C GLY F 78 -2.35 14.91 32.52
N ASP F 79 -2.23 15.70 33.58
CA ASP F 79 -0.94 16.28 33.94
C ASP F 79 0.04 15.18 34.31
N LEU F 80 -0.41 14.25 35.15
CA LEU F 80 0.43 13.14 35.58
C LEU F 80 0.94 12.28 34.42
N PHE F 81 0.02 11.90 33.53
CA PHE F 81 0.37 11.05 32.39
C PHE F 81 1.00 11.79 31.21
N GLY F 82 0.75 13.09 31.14
CA GLY F 82 1.31 13.88 30.05
C GLY F 82 0.56 13.73 28.73
N VAL F 83 -0.72 13.35 28.81
CA VAL F 83 -1.51 13.17 27.60
C VAL F 83 -2.94 13.64 27.81
N PRO F 84 -3.64 13.96 26.72
CA PRO F 84 -5.03 14.42 26.80
C PRO F 84 -6.01 13.26 26.72
N SER F 85 -5.51 12.11 26.28
CA SER F 85 -6.32 10.90 26.15
C SER F 85 -5.43 9.69 25.90
N PHE F 86 -6.01 8.50 26.12
CA PHE F 86 -5.28 7.24 25.92
C PHE F 86 -6.28 6.09 25.89
N SER F 87 -5.90 4.99 25.27
CA SER F 87 -6.77 3.82 25.19
C SER F 87 -6.61 2.91 26.43
N VAL F 88 -7.74 2.48 26.99
CA VAL F 88 -7.68 1.60 28.16
C VAL F 88 -7.21 0.21 27.77
N LYS F 89 -7.08 -0.04 26.47
CA LYS F 89 -6.66 -1.35 25.97
C LYS F 89 -5.15 -1.51 25.72
N GLU F 90 -4.41 -0.40 25.75
CA GLU F 90 -2.96 -0.41 25.53
C GLU F 90 -2.27 -0.33 26.88
N HIS F 91 -2.15 -1.49 27.52
CA HIS F 91 -1.60 -1.59 28.86
C HIS F 91 -0.14 -1.21 29.06
N ARG F 92 0.75 -1.61 28.16
CA ARG F 92 2.14 -1.23 28.31
C ARG F 92 2.26 0.28 28.29
N LYS F 93 1.54 0.94 27.37
CA LYS F 93 1.62 2.40 27.29
C LYS F 93 1.19 3.02 28.62
N ILE F 94 0.20 2.40 29.26
CA ILE F 94 -0.28 2.89 30.53
C ILE F 94 0.79 2.69 31.61
N TYR F 95 1.44 1.53 31.61
CA TYR F 95 2.46 1.26 32.60
C TYR F 95 3.59 2.28 32.47
N THR F 96 3.97 2.61 31.24
CA THR F 96 5.03 3.59 31.02
C THR F 96 4.71 4.92 31.66
N MET F 97 3.49 5.40 31.44
CA MET F 97 3.07 6.67 32.00
C MET F 97 3.04 6.62 33.52
N ILE F 98 2.53 5.52 34.07
CA ILE F 98 2.47 5.38 35.52
C ILE F 98 3.88 5.38 36.11
N TYR F 99 4.84 4.71 35.47
CA TYR F 99 6.21 4.67 36.01
C TYR F 99 6.86 6.03 36.18
N ARG F 100 6.42 7.03 35.42
CA ARG F 100 7.00 8.35 35.54
C ARG F 100 6.58 8.99 36.88
N ASN F 101 5.55 8.44 37.48
CA ASN F 101 5.01 8.98 38.73
C ASN F 101 5.26 8.18 40.01
N LEU F 102 6.26 7.31 40.00
CA LEU F 102 6.53 6.54 41.20
C LEU F 102 7.99 6.07 41.25
N VAL F 103 8.33 5.41 42.34
CA VAL F 103 9.68 4.88 42.49
C VAL F 103 9.54 3.41 42.84
N VAL F 104 10.35 2.57 42.19
CA VAL F 104 10.34 1.15 42.44
C VAL F 104 11.09 0.91 43.73
N VAL F 105 10.68 -0.09 44.50
CA VAL F 105 11.37 -0.38 45.76
C VAL F 105 12.46 -1.44 45.59
N ASN F 106 13.65 -1.14 46.09
CA ASN F 106 14.77 -2.08 45.98
C ASN F 106 14.76 -3.08 47.13
N SER G 2 -26.57 2.88 -29.56
CA SER G 2 -25.88 1.57 -29.58
C SER G 2 -25.06 1.40 -30.85
N VAL G 3 -24.43 0.23 -31.04
CA VAL G 3 -23.63 -0.04 -32.23
C VAL G 3 -24.46 -0.83 -33.24
N PRO G 4 -24.01 -0.89 -34.50
CA PRO G 4 -24.75 -1.63 -35.53
C PRO G 4 -24.90 -3.13 -35.26
N THR G 5 -23.79 -3.80 -34.93
CA THR G 5 -23.81 -5.23 -34.64
C THR G 5 -23.00 -5.54 -33.40
N ASP G 6 -23.23 -6.72 -32.83
CA ASP G 6 -22.53 -7.16 -31.60
C ASP G 6 -22.48 -8.71 -31.60
N GLY G 7 -21.62 -9.25 -30.75
CA GLY G 7 -21.47 -10.69 -30.63
C GLY G 7 -20.94 -11.06 -29.26
N ALA G 8 -21.20 -12.29 -28.83
CA ALA G 8 -20.72 -12.75 -27.54
C ALA G 8 -20.65 -14.26 -27.50
N VAL G 9 -19.60 -14.78 -26.89
CA VAL G 9 -19.47 -16.22 -26.74
C VAL G 9 -19.22 -16.49 -25.28
N THR G 10 -19.89 -17.49 -24.72
CA THR G 10 -19.70 -17.84 -23.32
C THR G 10 -19.22 -19.28 -23.20
N THR G 11 -18.67 -19.61 -22.04
CA THR G 11 -18.17 -20.95 -21.78
C THR G 11 -18.52 -21.42 -20.40
N SER G 12 -18.59 -22.73 -20.21
CA SER G 12 -18.92 -23.29 -18.91
C SER G 12 -17.67 -23.26 -18.03
N GLN G 13 -16.51 -23.08 -18.64
CA GLN G 13 -15.23 -23.06 -17.93
C GLN G 13 -14.93 -21.83 -17.08
N ILE G 14 -15.74 -20.78 -17.23
CA ILE G 14 -15.53 -19.52 -16.49
C ILE G 14 -16.86 -19.14 -15.86
N PRO G 15 -16.83 -18.51 -14.67
CA PRO G 15 -18.03 -18.08 -13.96
C PRO G 15 -18.81 -17.08 -14.81
N ALA G 16 -20.13 -17.22 -14.83
CA ALA G 16 -20.97 -16.34 -15.63
C ALA G 16 -20.71 -14.86 -15.36
N SER G 17 -20.65 -14.49 -14.09
CA SER G 17 -20.43 -13.10 -13.74
C SER G 17 -19.13 -12.54 -14.30
N GLU G 18 -18.09 -13.36 -14.35
CA GLU G 18 -16.79 -12.91 -14.87
C GLU G 18 -16.82 -12.61 -16.36
N GLN G 19 -17.61 -13.37 -17.10
CA GLN G 19 -17.70 -13.16 -18.54
C GLN G 19 -18.46 -11.85 -18.83
N GLU G 20 -19.14 -11.35 -17.81
CA GLU G 20 -19.88 -10.09 -17.93
C GLU G 20 -19.01 -8.89 -17.48
N THR G 21 -17.77 -9.16 -17.08
CA THR G 21 -16.85 -8.12 -16.62
C THR G 21 -16.59 -7.09 -17.71
N LEU G 22 -16.83 -5.81 -17.41
CA LEU G 22 -16.62 -4.74 -18.39
C LEU G 22 -15.13 -4.38 -18.41
N VAL G 23 -14.53 -4.33 -19.60
CA VAL G 23 -13.11 -4.02 -19.73
C VAL G 23 -12.83 -3.03 -20.87
N ARG G 24 -11.61 -2.49 -20.90
CA ARG G 24 -11.24 -1.55 -21.95
C ARG G 24 -9.96 -2.06 -22.60
N PRO G 25 -10.06 -2.65 -23.81
CA PRO G 25 -8.87 -3.16 -24.49
C PRO G 25 -7.83 -2.08 -24.69
N LYS G 26 -6.55 -2.42 -24.53
CA LYS G 26 -5.52 -1.44 -24.75
C LYS G 26 -5.56 -1.16 -26.24
N PRO G 27 -5.01 -0.01 -26.68
CA PRO G 27 -5.00 0.39 -28.09
C PRO G 27 -4.78 -0.70 -29.15
N LEU G 28 -3.72 -1.48 -29.01
CA LEU G 28 -3.41 -2.52 -29.98
C LEU G 28 -4.46 -3.63 -30.03
N LEU G 29 -4.95 -4.02 -28.85
CA LEU G 29 -5.96 -5.05 -28.78
C LEU G 29 -7.25 -4.53 -29.41
N LEU G 30 -7.56 -3.27 -29.12
CA LEU G 30 -8.76 -2.64 -29.66
C LEU G 30 -8.71 -2.64 -31.18
N LYS G 31 -7.54 -2.30 -31.73
CA LYS G 31 -7.33 -2.26 -33.17
C LYS G 31 -7.67 -3.61 -33.77
N LEU G 32 -7.31 -4.65 -33.04
CA LEU G 32 -7.55 -6.03 -33.47
C LEU G 32 -9.05 -6.34 -33.51
N LEU G 33 -9.79 -5.94 -32.47
CA LEU G 33 -11.23 -6.18 -32.41
C LEU G 33 -11.96 -5.37 -33.47
N LYS G 34 -11.47 -4.16 -33.73
CA LYS G 34 -12.11 -3.31 -34.72
C LYS G 34 -11.86 -3.77 -36.16
N SER G 35 -10.79 -4.53 -36.38
CA SER G 35 -10.49 -5.01 -37.71
C SER G 35 -11.49 -6.08 -38.17
N VAL G 36 -12.31 -6.55 -37.25
CA VAL G 36 -13.31 -7.55 -37.59
C VAL G 36 -14.72 -7.07 -37.30
N GLY G 37 -14.94 -5.76 -37.28
CA GLY G 37 -16.28 -5.24 -37.07
C GLY G 37 -16.66 -4.59 -35.75
N ALA G 38 -15.84 -4.75 -34.72
CA ALA G 38 -16.16 -4.14 -33.43
C ALA G 38 -16.21 -2.62 -33.62
N GLN G 39 -17.15 -1.97 -32.95
CA GLN G 39 -17.27 -0.52 -33.10
C GLN G 39 -17.27 0.28 -31.80
N LYS G 40 -17.20 -0.39 -30.66
CA LYS G 40 -17.17 0.34 -29.39
C LYS G 40 -15.78 0.34 -28.77
N ASP G 41 -15.65 1.02 -27.65
CA ASP G 41 -14.36 1.12 -26.99
C ASP G 41 -14.23 0.33 -25.70
N THR G 42 -15.37 -0.04 -25.12
CA THR G 42 -15.42 -0.84 -23.90
C THR G 42 -16.30 -2.06 -24.19
N TYR G 43 -15.93 -3.21 -23.64
CA TYR G 43 -16.67 -4.45 -23.89
C TYR G 43 -16.76 -5.33 -22.63
N THR G 44 -17.68 -6.30 -22.67
CA THR G 44 -17.78 -7.26 -21.59
C THR G 44 -16.80 -8.29 -22.09
N MET G 45 -16.27 -9.14 -21.22
CA MET G 45 -15.29 -10.11 -21.66
C MET G 45 -15.85 -11.04 -22.74
N LYS G 46 -17.09 -11.48 -22.60
CA LYS G 46 -17.64 -12.38 -23.60
C LYS G 46 -17.66 -11.76 -25.00
N GLU G 47 -17.80 -10.44 -25.05
CA GLU G 47 -17.80 -9.74 -26.35
C GLU G 47 -16.38 -9.78 -26.93
N VAL G 48 -15.40 -9.48 -26.08
CA VAL G 48 -14.03 -9.50 -26.55
C VAL G 48 -13.71 -10.88 -27.13
N LEU G 49 -14.13 -11.94 -26.44
CA LEU G 49 -13.85 -13.28 -26.91
C LEU G 49 -14.55 -13.55 -28.24
N PHE G 50 -15.73 -12.99 -28.43
CA PHE G 50 -16.42 -13.19 -29.69
C PHE G 50 -15.58 -12.64 -30.85
N TYR G 51 -15.19 -11.38 -30.75
CA TYR G 51 -14.40 -10.76 -31.82
C TYR G 51 -13.04 -11.43 -32.02
N LEU G 52 -12.44 -11.89 -30.92
CA LEU G 52 -11.16 -12.59 -31.01
C LEU G 52 -11.40 -13.86 -31.83
N GLY G 53 -12.48 -14.55 -31.51
CA GLY G 53 -12.82 -15.76 -32.24
C GLY G 53 -12.98 -15.44 -33.71
N GLN G 54 -13.67 -14.33 -34.00
CA GLN G 54 -13.88 -13.91 -35.38
C GLN G 54 -12.54 -13.63 -36.03
N TYR G 55 -11.66 -12.97 -35.29
CA TYR G 55 -10.34 -12.63 -35.79
C TYR G 55 -9.62 -13.91 -36.23
N ILE G 56 -9.59 -14.87 -35.33
CA ILE G 56 -8.96 -16.17 -35.56
C ILE G 56 -9.57 -16.84 -36.80
N MET G 57 -10.89 -16.89 -36.84
CA MET G 57 -11.63 -17.49 -37.96
C MET G 57 -11.24 -16.84 -39.30
N THR G 58 -11.29 -15.51 -39.37
CA THR G 58 -11.00 -14.85 -40.63
C THR G 58 -9.55 -14.94 -41.11
N LYS G 59 -8.60 -14.98 -40.17
CA LYS G 59 -7.21 -15.08 -40.57
C LYS G 59 -6.73 -16.51 -40.73
N ARG G 60 -7.56 -17.47 -40.36
CA ARG G 60 -7.21 -18.88 -40.49
C ARG G 60 -5.94 -19.22 -39.73
N LEU G 61 -5.97 -18.97 -38.42
CA LEU G 61 -4.84 -19.27 -37.57
C LEU G 61 -5.29 -20.53 -36.84
N TYR G 62 -6.47 -21.00 -37.24
CA TYR G 62 -7.10 -22.19 -36.67
C TYR G 62 -7.99 -22.83 -37.72
N HIS G 68 -6.80 -28.79 -31.82
CA HIS G 68 -7.52 -27.65 -31.23
C HIS G 68 -6.56 -26.49 -30.97
N ILE G 69 -5.53 -26.35 -31.81
CA ILE G 69 -4.53 -25.30 -31.62
C ILE G 69 -4.65 -24.12 -32.57
N VAL G 70 -4.34 -22.94 -32.04
CA VAL G 70 -4.34 -21.71 -32.82
C VAL G 70 -2.86 -21.40 -33.06
N TYR G 71 -2.52 -21.00 -34.29
CA TYR G 71 -1.14 -20.67 -34.63
C TYR G 71 -1.03 -19.20 -34.93
N CYS G 72 -0.46 -18.46 -33.97
CA CYS G 72 -0.34 -17.01 -34.09
C CYS G 72 1.08 -16.49 -34.01
N SER G 73 2.06 -17.34 -34.31
CA SER G 73 3.45 -16.92 -34.23
C SER G 73 3.81 -15.65 -34.99
N ASN G 74 3.34 -15.48 -36.21
CA ASN G 74 3.68 -14.25 -36.92
C ASN G 74 2.48 -13.33 -37.13
N ASP G 75 1.52 -13.42 -36.22
CA ASP G 75 0.33 -12.57 -36.30
C ASP G 75 0.29 -11.66 -35.07
N LEU G 76 -0.28 -10.47 -35.24
CA LEU G 76 -0.35 -9.54 -34.14
C LEU G 76 -0.86 -10.19 -32.86
N LEU G 77 -1.71 -11.20 -33.02
CA LEU G 77 -2.28 -11.91 -31.89
C LEU G 77 -1.18 -12.56 -31.06
N GLY G 78 -0.20 -13.13 -31.74
CA GLY G 78 0.92 -13.78 -31.06
C GLY G 78 1.72 -12.80 -30.23
N ASP G 79 1.92 -11.60 -30.76
CA ASP G 79 2.67 -10.57 -30.03
C ASP G 79 1.89 -10.18 -28.78
N LEU G 80 0.57 -10.04 -28.94
CA LEU G 80 -0.29 -9.67 -27.82
C LEU G 80 -0.37 -10.72 -26.71
N PHE G 81 -0.56 -11.97 -27.11
CA PHE G 81 -0.68 -13.05 -26.14
C PHE G 81 0.68 -13.57 -25.71
N GLY G 82 1.72 -13.02 -26.31
CA GLY G 82 3.08 -13.44 -25.98
C GLY G 82 3.29 -14.93 -26.16
N VAL G 83 2.78 -15.48 -27.25
CA VAL G 83 2.93 -16.90 -27.53
C VAL G 83 2.89 -17.15 -29.03
N PRO G 84 3.27 -18.36 -29.46
CA PRO G 84 3.25 -18.69 -30.87
C PRO G 84 2.00 -19.49 -31.26
N SER G 85 1.46 -20.23 -30.28
CA SER G 85 0.27 -21.05 -30.48
C SER G 85 -0.39 -21.31 -29.13
N PHE G 86 -1.64 -21.77 -29.14
CA PHE G 86 -2.38 -22.08 -27.90
C PHE G 86 -3.70 -22.83 -28.20
N SER G 87 -4.22 -23.54 -27.21
CA SER G 87 -5.47 -24.31 -27.37
C SER G 87 -6.76 -23.52 -27.21
N VAL G 88 -7.75 -23.81 -28.05
CA VAL G 88 -9.04 -23.12 -27.98
C VAL G 88 -9.91 -23.74 -26.90
N LYS G 89 -9.48 -24.87 -26.34
CA LYS G 89 -10.27 -25.54 -25.31
C LYS G 89 -9.85 -25.11 -23.91
N GLU G 90 -8.70 -24.45 -23.80
CA GLU G 90 -8.19 -24.01 -22.51
C GLU G 90 -8.57 -22.55 -22.32
N HIS G 91 -9.79 -22.36 -21.83
CA HIS G 91 -10.37 -21.04 -21.64
C HIS G 91 -9.81 -20.13 -20.57
N ARG G 92 -9.47 -20.66 -19.39
CA ARG G 92 -8.89 -19.78 -18.37
C ARG G 92 -7.59 -19.17 -18.88
N LYS G 93 -6.77 -19.99 -19.52
CA LYS G 93 -5.50 -19.53 -20.08
C LYS G 93 -5.74 -18.37 -21.05
N ILE G 94 -6.80 -18.46 -21.85
CA ILE G 94 -7.12 -17.42 -22.82
C ILE G 94 -7.53 -16.14 -22.10
N TYR G 95 -8.35 -16.26 -21.06
CA TYR G 95 -8.77 -15.12 -20.29
C TYR G 95 -7.54 -14.42 -19.70
N THR G 96 -6.62 -15.22 -19.19
CA THR G 96 -5.41 -14.70 -18.59
C THR G 96 -4.62 -13.87 -19.60
N MET G 97 -4.52 -14.37 -20.83
CA MET G 97 -3.78 -13.62 -21.84
C MET G 97 -4.50 -12.33 -22.24
N ILE G 98 -5.82 -12.31 -22.18
CA ILE G 98 -6.56 -11.10 -22.52
C ILE G 98 -6.42 -10.06 -21.40
N TYR G 99 -6.46 -10.51 -20.15
CA TYR G 99 -6.35 -9.59 -19.01
C TYR G 99 -5.06 -8.75 -18.99
N ARG G 100 -3.99 -9.27 -19.59
CA ARG G 100 -2.70 -8.56 -19.66
C ARG G 100 -2.73 -7.42 -20.67
N ASN G 101 -3.74 -7.42 -21.54
CA ASN G 101 -3.84 -6.42 -22.59
C ASN G 101 -4.95 -5.39 -22.44
N LEU G 102 -5.32 -5.09 -21.19
CA LEU G 102 -6.37 -4.12 -20.91
C LEU G 102 -5.84 -2.84 -20.23
N VAL G 103 -6.63 -1.78 -20.25
CA VAL G 103 -6.27 -0.50 -19.62
C VAL G 103 -7.46 -0.17 -18.72
N VAL G 104 -7.27 0.61 -17.66
CA VAL G 104 -8.39 0.90 -16.78
C VAL G 104 -9.62 1.38 -17.55
N VAL G 105 -10.79 0.97 -17.08
CA VAL G 105 -12.03 1.34 -17.73
C VAL G 105 -12.40 2.83 -17.61
N ASN G 106 -12.67 3.30 -16.40
CA ASN G 106 -13.03 4.71 -16.24
C ASN G 106 -11.81 5.65 -16.20
N VAL H 3 -19.22 6.06 -43.18
CA VAL H 3 -20.00 6.73 -42.11
C VAL H 3 -21.33 7.22 -42.67
N PRO H 4 -22.41 7.26 -41.86
CA PRO H 4 -23.70 7.73 -42.39
C PRO H 4 -23.80 9.25 -42.51
N THR H 5 -23.25 9.97 -41.53
CA THR H 5 -23.28 11.42 -41.55
C THR H 5 -21.98 11.97 -41.02
N ASP H 6 -21.60 13.17 -41.49
CA ASP H 6 -20.38 13.82 -41.04
C ASP H 6 -20.63 15.33 -40.86
N GLY H 7 -19.71 16.00 -40.18
CA GLY H 7 -19.85 17.44 -39.96
C GLY H 7 -18.49 18.09 -39.80
N ALA H 8 -18.41 19.38 -40.13
CA ALA H 8 -17.15 20.12 -40.02
C ALA H 8 -17.41 21.63 -39.97
N VAL H 9 -16.67 22.32 -39.10
CA VAL H 9 -16.78 23.77 -38.97
C VAL H 9 -15.37 24.36 -39.14
N THR H 10 -15.24 25.41 -39.94
CA THR H 10 -13.93 26.04 -40.13
C THR H 10 -13.92 27.48 -39.65
N THR H 11 -12.72 28.04 -39.50
CA THR H 11 -12.60 29.41 -39.02
C THR H 11 -11.43 30.15 -39.65
N SER H 12 -11.57 31.48 -39.74
CA SER H 12 -10.52 32.32 -40.33
C SER H 12 -9.38 32.58 -39.36
N GLN H 13 -9.63 32.26 -38.10
CA GLN H 13 -8.67 32.46 -37.03
C GLN H 13 -7.54 31.44 -37.01
N ILE H 14 -7.70 30.35 -37.76
CA ILE H 14 -6.74 29.25 -37.80
C ILE H 14 -6.33 28.96 -39.24
N PRO H 15 -5.08 28.53 -39.46
CA PRO H 15 -4.66 28.23 -40.83
C PRO H 15 -5.53 27.11 -41.36
N ALA H 16 -5.74 27.08 -42.67
CA ALA H 16 -6.59 26.06 -43.24
C ALA H 16 -5.97 24.68 -43.06
N SER H 17 -4.66 24.60 -43.25
CA SER H 17 -3.95 23.34 -43.12
C SER H 17 -4.09 22.75 -41.72
N GLU H 18 -4.02 23.57 -40.68
CA GLU H 18 -4.14 23.08 -39.31
C GLU H 18 -5.52 22.48 -39.04
N GLN H 19 -6.57 23.07 -39.61
CA GLN H 19 -7.92 22.56 -39.39
C GLN H 19 -8.12 21.23 -40.12
N GLU H 20 -7.20 20.90 -41.03
CA GLU H 20 -7.24 19.63 -41.76
C GLU H 20 -6.34 18.60 -41.06
N THR H 21 -5.70 18.99 -39.96
CA THR H 21 -4.81 18.09 -39.22
C THR H 21 -5.54 16.88 -38.64
N LEU H 22 -5.14 15.67 -39.03
CA LEU H 22 -5.78 14.46 -38.51
C LEU H 22 -5.33 14.22 -37.05
N VAL H 23 -6.29 13.93 -36.16
CA VAL H 23 -5.96 13.66 -34.76
C VAL H 23 -6.73 12.45 -34.22
N ARG H 24 -6.25 11.92 -33.10
CA ARG H 24 -6.89 10.77 -32.46
C ARG H 24 -7.22 11.25 -31.06
N PRO H 25 -8.51 11.53 -30.81
CA PRO H 25 -8.95 12.01 -29.49
C PRO H 25 -8.67 10.97 -28.42
N LYS H 26 -8.33 11.42 -27.21
CA LYS H 26 -8.09 10.46 -26.15
C LYS H 26 -9.46 9.88 -25.83
N PRO H 27 -9.51 8.61 -25.38
CA PRO H 27 -10.75 7.91 -25.04
C PRO H 27 -11.88 8.76 -24.47
N LEU H 28 -11.60 9.52 -23.42
CA LEU H 28 -12.63 10.35 -22.81
C LEU H 28 -13.24 11.39 -23.74
N LEU H 29 -12.41 11.98 -24.59
CA LEU H 29 -12.91 12.99 -25.54
C LEU H 29 -13.64 12.29 -26.67
N LEU H 30 -13.18 11.09 -27.03
CA LEU H 30 -13.79 10.32 -28.10
C LEU H 30 -15.18 9.91 -27.68
N LYS H 31 -15.33 9.61 -26.40
CA LYS H 31 -16.62 9.20 -25.86
C LYS H 31 -17.62 10.35 -26.02
N LEU H 32 -17.18 11.56 -25.72
CA LEU H 32 -18.04 12.74 -25.84
C LEU H 32 -18.45 12.97 -27.30
N LEU H 33 -17.48 12.92 -28.22
CA LEU H 33 -17.78 13.11 -29.64
C LEU H 33 -18.80 12.08 -30.11
N LYS H 34 -18.60 10.83 -29.73
CA LYS H 34 -19.52 9.75 -30.12
C LYS H 34 -20.86 9.89 -29.44
N SER H 35 -20.92 10.66 -28.35
CA SER H 35 -22.17 10.85 -27.65
C SER H 35 -23.12 11.72 -28.46
N VAL H 36 -22.62 12.37 -29.51
CA VAL H 36 -23.46 13.19 -30.37
C VAL H 36 -23.46 12.76 -31.83
N GLY H 37 -23.18 11.49 -32.09
CA GLY H 37 -23.22 10.99 -33.46
C GLY H 37 -21.94 10.64 -34.17
N ALA H 38 -20.80 11.10 -33.66
CA ALA H 38 -19.53 10.79 -34.31
C ALA H 38 -19.38 9.29 -34.35
N GLN H 39 -18.88 8.76 -35.47
CA GLN H 39 -18.71 7.33 -35.58
C GLN H 39 -17.31 6.90 -36.01
N LYS H 40 -16.30 7.75 -35.78
CA LYS H 40 -14.94 7.39 -36.17
C LYS H 40 -13.99 7.37 -34.97
N ASP H 41 -12.75 6.97 -35.21
CA ASP H 41 -11.77 6.91 -34.13
C ASP H 41 -10.69 7.97 -34.35
N THR H 42 -10.64 8.49 -35.57
CA THR H 42 -9.70 9.55 -35.94
C THR H 42 -10.49 10.59 -36.71
N TYR H 43 -10.16 11.87 -36.49
CA TYR H 43 -10.89 12.96 -37.13
C TYR H 43 -10.00 14.10 -37.58
N THR H 44 -10.47 14.91 -38.53
CA THR H 44 -9.69 16.07 -38.91
C THR H 44 -10.13 17.01 -37.79
N MET H 45 -9.29 17.97 -37.42
CA MET H 45 -9.65 18.88 -36.35
C MET H 45 -10.98 19.57 -36.61
N LYS H 46 -11.26 19.89 -37.87
CA LYS H 46 -12.51 20.58 -38.17
C LYS H 46 -13.73 19.71 -37.84
N GLU H 47 -13.57 18.39 -37.90
CA GLU H 47 -14.66 17.48 -37.56
C GLU H 47 -14.83 17.48 -36.06
N VAL H 48 -13.71 17.45 -35.35
CA VAL H 48 -13.75 17.46 -33.90
C VAL H 48 -14.49 18.70 -33.39
N LEU H 49 -14.19 19.88 -33.96
CA LEU H 49 -14.86 21.10 -33.53
C LEU H 49 -16.36 21.04 -33.87
N PHE H 50 -16.72 20.36 -34.95
CA PHE H 50 -18.14 20.23 -35.30
C PHE H 50 -18.91 19.52 -34.20
N TYR H 51 -18.48 18.32 -33.86
CA TYR H 51 -19.14 17.54 -32.85
C TYR H 51 -19.08 18.18 -31.47
N LEU H 52 -18.00 18.92 -31.22
CA LEU H 52 -17.87 19.63 -29.96
C LEU H 52 -18.95 20.70 -29.89
N GLY H 53 -19.14 21.39 -31.00
CA GLY H 53 -20.16 22.42 -31.06
C GLY H 53 -21.54 21.83 -30.84
N GLN H 54 -21.78 20.66 -31.41
CA GLN H 54 -23.07 19.99 -31.26
C GLN H 54 -23.26 19.57 -29.81
N TYR H 55 -22.19 19.11 -29.18
CA TYR H 55 -22.24 18.70 -27.78
C TYR H 55 -22.65 19.91 -26.95
N ILE H 56 -22.00 21.03 -27.22
CA ILE H 56 -22.28 22.26 -26.51
C ILE H 56 -23.73 22.70 -26.72
N MET H 57 -24.22 22.57 -27.94
CA MET H 57 -25.61 22.94 -28.24
C MET H 57 -26.64 22.03 -27.58
N THR H 58 -26.45 20.71 -27.71
CA THR H 58 -27.42 19.78 -27.15
C THR H 58 -27.53 19.85 -25.63
N LYS H 59 -26.39 19.92 -24.95
CA LYS H 59 -26.38 20.00 -23.50
C LYS H 59 -26.67 21.42 -22.99
N ARG H 60 -26.94 22.35 -23.90
CA ARG H 60 -27.27 23.72 -23.54
C ARG H 60 -26.24 24.35 -22.60
N LEU H 61 -24.97 24.20 -22.94
CA LEU H 61 -23.92 24.78 -22.11
C LEU H 61 -23.67 26.18 -22.64
N TYR H 62 -24.32 26.50 -23.77
CA TYR H 62 -24.24 27.81 -24.43
C TYR H 62 -25.62 28.30 -24.83
N HIS H 68 -21.09 35.44 -25.25
CA HIS H 68 -20.31 34.54 -26.13
C HIS H 68 -19.64 33.45 -25.30
N ILE H 69 -20.05 33.33 -24.04
CA ILE H 69 -19.44 32.34 -23.15
C ILE H 69 -20.15 31.00 -23.00
N VAL H 70 -19.34 29.94 -22.97
CA VAL H 70 -19.82 28.58 -22.81
C VAL H 70 -19.54 28.22 -21.35
N TYR H 71 -20.54 27.72 -20.63
CA TYR H 71 -20.32 27.33 -19.23
C TYR H 71 -20.20 25.83 -19.13
N CYS H 72 -18.99 25.38 -18.83
CA CYS H 72 -18.70 23.96 -18.74
C CYS H 72 -18.14 23.52 -17.40
N SER H 73 -18.53 24.20 -16.33
CA SER H 73 -18.04 23.89 -14.98
C SER H 73 -18.54 22.56 -14.40
N ASN H 74 -19.82 22.27 -14.60
CA ASN H 74 -20.42 21.02 -14.10
C ASN H 74 -20.54 20.01 -15.22
N ASP H 75 -19.69 20.17 -16.23
CA ASP H 75 -19.76 19.27 -17.37
C ASP H 75 -18.45 18.55 -17.65
N LEU H 76 -18.54 17.45 -18.39
CA LEU H 76 -17.38 16.67 -18.76
C LEU H 76 -16.43 17.60 -19.49
N LEU H 77 -17.00 18.39 -20.41
CA LEU H 77 -16.24 19.33 -21.20
C LEU H 77 -15.28 20.13 -20.33
N GLY H 78 -15.79 20.57 -19.19
CA GLY H 78 -14.96 21.35 -18.28
C GLY H 78 -13.79 20.57 -17.74
N ASP H 79 -14.03 19.32 -17.33
CA ASP H 79 -12.97 18.50 -16.79
C ASP H 79 -11.93 18.24 -17.87
N LEU H 80 -12.39 18.16 -19.11
CA LEU H 80 -11.51 17.92 -20.25
C LEU H 80 -10.67 19.14 -20.65
N PHE H 81 -11.29 20.32 -20.59
CA PHE H 81 -10.62 21.56 -20.98
C PHE H 81 -9.88 22.23 -19.85
N GLY H 82 -10.21 21.86 -18.61
CA GLY H 82 -9.54 22.47 -17.48
C GLY H 82 -9.97 23.90 -17.25
N VAL H 83 -11.13 24.26 -17.76
CA VAL H 83 -11.68 25.60 -17.61
C VAL H 83 -13.10 25.51 -17.06
N PRO H 84 -13.56 26.57 -16.39
CA PRO H 84 -14.89 26.70 -15.78
C PRO H 84 -15.86 27.24 -16.83
N SER H 85 -15.29 27.90 -17.84
CA SER H 85 -16.05 28.49 -18.92
C SER H 85 -15.07 29.08 -19.93
N PHE H 86 -15.58 29.53 -21.07
CA PHE H 86 -14.76 30.12 -22.12
C PHE H 86 -15.63 30.68 -23.25
N SER H 87 -15.03 31.53 -24.07
CA SER H 87 -15.71 32.18 -25.19
C SER H 87 -15.63 31.39 -26.48
N VAL H 88 -16.67 31.51 -27.30
CA VAL H 88 -16.76 30.79 -28.57
C VAL H 88 -16.00 31.48 -29.70
N LYS H 89 -15.60 32.74 -29.49
CA LYS H 89 -14.88 33.49 -30.52
C LYS H 89 -13.37 33.27 -30.46
N GLU H 90 -12.83 33.00 -29.27
CA GLU H 90 -11.39 32.78 -29.12
C GLU H 90 -11.04 31.36 -29.55
N HIS H 91 -10.97 31.17 -30.87
CA HIS H 91 -10.68 29.87 -31.49
C HIS H 91 -9.30 29.27 -31.22
N ARG H 92 -8.24 30.07 -31.29
CA ARG H 92 -6.91 29.55 -31.02
C ARG H 92 -6.89 28.88 -29.63
N LYS H 93 -7.53 29.55 -28.66
CA LYS H 93 -7.61 29.05 -27.29
C LYS H 93 -8.34 27.72 -27.26
N ILE H 94 -9.43 27.62 -28.01
CA ILE H 94 -10.19 26.38 -28.06
C ILE H 94 -9.34 25.27 -28.66
N TYR H 95 -8.58 25.59 -29.71
CA TYR H 95 -7.72 24.60 -30.34
C TYR H 95 -6.68 24.10 -29.33
N THR H 96 -6.11 25.02 -28.57
CA THR H 96 -5.12 24.67 -27.57
C THR H 96 -5.71 23.68 -26.57
N MET H 97 -6.90 23.98 -26.07
CA MET H 97 -7.54 23.09 -25.11
C MET H 97 -7.76 21.71 -25.71
N ILE H 98 -8.21 21.67 -26.96
CA ILE H 98 -8.43 20.39 -27.62
C ILE H 98 -7.13 19.60 -27.77
N TYR H 99 -6.03 20.30 -28.07
CA TYR H 99 -4.73 19.65 -28.26
C TYR H 99 -4.25 18.90 -27.02
N ARG H 100 -4.62 19.39 -25.83
CA ARG H 100 -4.22 18.75 -24.60
C ARG H 100 -4.98 17.47 -24.34
N ASN H 101 -5.94 17.16 -25.22
CA ASN H 101 -6.77 15.95 -25.05
C ASN H 101 -6.66 14.94 -26.18
N LEU H 102 -5.49 14.86 -26.81
CA LEU H 102 -5.26 13.92 -27.90
C LEU H 102 -4.20 12.89 -27.52
N VAL H 103 -3.97 11.92 -28.39
CA VAL H 103 -2.98 10.88 -28.16
C VAL H 103 -2.34 10.64 -29.51
N VAL H 104 -1.10 10.16 -29.53
CA VAL H 104 -0.40 9.92 -30.79
C VAL H 104 -1.28 9.17 -31.78
N VAL H 105 -1.62 9.82 -32.90
CA VAL H 105 -2.47 9.18 -33.91
C VAL H 105 -2.03 7.75 -34.18
N ASN H 106 -0.82 7.58 -34.68
CA ASN H 106 -0.32 6.24 -34.96
C ASN H 106 -0.17 5.42 -33.67
CL1 0Y7 I . -0.83 -2.00 -5.43
C1 0Y7 I . -1.36 -2.95 -4.08
C2 0Y7 I . -2.54 -2.58 -3.43
C3 0Y7 I . -3.02 -3.35 -2.37
C4 0Y7 I . -0.63 -4.08 -3.67
C5 0Y7 I . -1.12 -4.86 -2.61
C6 0Y7 I . -2.31 -4.50 -1.97
C7 0Y7 I . -2.81 -5.37 -0.88
N1 0Y7 I . -2.79 -4.69 0.44
C8 0Y7 I . -1.59 -3.86 0.80
C9 0Y7 I . -0.72 -4.62 1.80
O4 0Y7 I . -0.14 -5.74 1.17
C11 0Y7 I . -3.80 -4.79 1.32
O1 0Y7 I . -3.79 -4.21 2.40
C12 0Y7 I . -5.04 -5.70 0.99
C13 0Y7 I . -6.29 -4.85 0.66
C14 0Y7 I . -7.51 -5.77 0.73
O2 0Y7 I . -8.15 -6.21 -0.20
O3 0Y7 I . -7.82 -6.06 2.01
C15 0Y7 I . -4.81 -6.75 -0.09
C16 0Y7 I . -4.15 -6.10 -1.29
C17 0Y7 I . -4.00 -7.07 -2.43
C18 0Y7 I . -3.51 -8.38 -2.24
C19 0Y7 I . -3.36 -9.23 -3.34
C20 0Y7 I . -3.68 -8.81 -4.62
C21 0Y7 I . -4.17 -7.50 -4.80
CL2 0Y7 I . -4.56 -6.97 -6.37
C22 0Y7 I . -4.34 -6.64 -3.74
C10 0Y7 I . -1.87 -2.45 1.32
C23 0Y7 I . -1.92 -1.32 0.30
CL1 0Y7 J . 8.59 -9.49 13.26
C1 0Y7 J . 9.11 -9.28 11.64
C2 0Y7 J . 10.33 -8.64 11.44
C3 0Y7 J . 10.82 -8.51 10.13
C4 0Y7 J . 8.35 -9.78 10.60
C5 0Y7 J . 8.84 -9.64 9.29
C6 0Y7 J . 10.08 -9.01 9.06
C7 0Y7 J . 10.60 -8.93 7.67
N1 0Y7 J . 10.55 -7.59 7.10
C8 0Y7 J . 9.36 -6.74 7.38
C9 0Y7 J . 8.41 -6.61 6.18
O4 0Y7 J . 7.89 -7.88 5.82
C11 0Y7 J . 11.54 -7.07 6.33
O1 0Y7 J . 11.49 -5.90 5.96
C12 0Y7 J . 12.75 -7.96 5.91
C13 0Y7 J . 13.98 -7.54 6.76
C14 0Y7 J . 15.22 -8.29 6.18
O2 0Y7 J . 15.65 -9.31 6.61
O3 0Y7 J . 15.76 -7.63 5.13
C15 0Y7 J . 12.56 -9.46 6.10
C16 0Y7 J . 11.90 -9.77 7.43
C17 0Y7 J . 11.67 -11.23 7.59
C18 0Y7 J . 11.13 -11.99 6.53
C19 0Y7 J . 10.89 -13.36 6.69
C20 0Y7 J . 11.18 -13.99 7.89
C21 0Y7 J . 11.72 -13.24 8.96
CL2 0Y7 J . 12.04 -13.95 10.47
C22 0Y7 J . 11.97 -11.87 8.82
C10 0Y7 J . 9.68 -5.37 7.97
C23 0Y7 J . 9.48 -5.23 9.45
CL1 0Y7 K . 14.77 -36.24 20.20
C1 0Y7 K . 16.05 -37.33 19.68
C2 0Y7 K . 15.76 -38.35 18.75
C3 0Y7 K . 16.79 -39.17 18.29
C4 0Y7 K . 17.36 -37.12 20.16
C5 0Y7 K . 18.38 -37.95 19.69
C6 0Y7 K . 18.11 -38.96 18.75
C7 0Y7 K . 19.24 -39.78 18.20
N1 0Y7 K . 19.14 -41.17 18.64
C8 0Y7 K . 18.79 -41.49 20.06
C9 0Y7 K . 20.06 -41.87 20.86
O4 0Y7 K . 20.96 -40.80 20.84
C11 0Y7 K . 19.36 -42.19 17.82
O1 0Y7 K . 19.15 -43.32 18.19
C12 0Y7 K . 19.89 -42.00 16.38
C13 0Y7 K . 18.71 -42.38 15.46
C14 0Y7 K . 19.27 -42.42 14.05
O2 0Y7 K . 19.22 -41.51 13.28
O3 0Y7 K . 19.83 -43.60 13.77
C15 0Y7 K . 20.41 -40.59 16.11
C16 0Y7 K . 19.44 -39.56 16.67
C17 0Y7 K . 19.87 -38.16 16.35
C18 0Y7 K . 21.23 -37.77 16.48
C19 0Y7 K . 21.61 -36.45 16.25
C20 0Y7 K . 20.69 -35.48 15.87
C21 0Y7 K . 19.32 -35.87 15.73
CL2 0Y7 K . 18.17 -34.69 15.29
C22 0Y7 K . 18.89 -37.19 15.95
C10 0Y7 K . 17.74 -42.57 20.36
C23 0Y7 K . 16.27 -42.18 20.26
CL1 0Y7 L . -5.95 23.60 7.00
C1 0Y7 L . -7.31 24.38 6.25
C2 0Y7 L . -7.11 25.00 5.02
C3 0Y7 L . -8.21 25.60 4.38
C4 0Y7 L . -8.58 24.33 6.85
C5 0Y7 L . -9.67 24.92 6.20
C6 0Y7 L . -9.49 25.56 4.96
C7 0Y7 L . -10.67 26.15 4.23
N1 0Y7 L . -10.62 27.63 4.15
C8 0Y7 L . -10.12 28.37 5.35
C9 0Y7 L . -11.27 28.98 6.15
O4 0Y7 L . -12.14 27.91 6.44
C11 0Y7 L . -11.01 28.34 3.06
O1 0Y7 L . -10.89 29.55 3.04
C12 0Y7 L . -11.61 27.63 1.81
C13 0Y7 L . -10.56 27.72 0.66
C14 0Y7 L . -11.10 27.22 -0.68
O2 0Y7 L . -10.89 26.12 -1.11
O3 0Y7 L . -11.84 28.13 -1.36
C15 0Y7 L . -12.13 26.24 2.11
C16 0Y7 L . -11.10 25.44 2.90
C17 0Y7 L . -11.53 24.01 3.10
C18 0Y7 L . -12.85 23.66 3.43
C19 0Y7 L . -13.22 22.33 3.65
C20 0Y7 L . -12.27 21.32 3.53
C21 0Y7 L . -10.94 21.66 3.20
CL2 0Y7 L . -9.74 20.46 3.08
C22 0Y7 L . -10.57 22.98 2.98
C10 0Y7 L . -9.08 29.43 5.09
C23 0Y7 L . -7.66 29.02 5.36
CL1 0Y7 M . 11.38 16.03 -25.49
C1 0Y7 M . 12.30 17.14 -26.42
C2 0Y7 M . 12.82 16.71 -27.63
C3 0Y7 M . 13.53 17.62 -28.42
C4 0Y7 M . 12.45 18.45 -25.95
C5 0Y7 M . 13.16 19.35 -26.74
C6 0Y7 M . 13.69 18.94 -27.98
C7 0Y7 M . 14.35 19.99 -28.81
N1 0Y7 M . 15.77 19.73 -29.02
C8 0Y7 M . 16.57 19.22 -27.88
C9 0Y7 M . 17.41 20.32 -27.25
O4 0Y7 M . 16.59 21.37 -26.78
C11 0Y7 M . 16.41 19.94 -30.21
O1 0Y7 M . 17.62 19.72 -30.33
C12 0Y7 M . 15.62 20.44 -31.45
C13 0Y7 M . 15.40 19.32 -32.47
C14 0Y7 M . 14.80 19.99 -33.72
O2 0Y7 M . 13.64 20.01 -34.04
O3 0Y7 M . 15.79 20.59 -34.41
C15 0Y7 M . 14.33 21.17 -31.10
C16 0Y7 M . 13.51 20.40 -30.08
C17 0Y7 M . 12.23 21.12 -29.75
C18 0Y7 M . 12.17 22.49 -29.44
C19 0Y7 M . 10.95 23.12 -29.11
C20 0Y7 M . 9.77 22.36 -29.08
C21 0Y7 M . 9.85 20.99 -29.39
CL2 0Y7 M . 8.44 19.95 -29.35
C22 0Y7 M . 11.05 20.37 -29.72
C10 0Y7 M . 17.40 17.97 -28.27
C23 0Y7 M . 16.98 16.63 -27.67
CL1 0Y7 N . -4.90 4.17 34.09
C1 0Y7 N . -5.94 2.78 33.99
C2 0Y7 N . -6.63 2.53 32.78
C3 0Y7 N . -7.41 1.35 32.67
C4 0Y7 N . -6.02 1.88 35.08
C5 0Y7 N . -6.80 0.72 34.95
C6 0Y7 N . -7.48 0.44 33.75
C7 0Y7 N . -8.24 -0.86 33.61
N1 0Y7 N . -9.70 -0.68 33.44
C8 0Y7 N . -10.39 0.37 34.24
C9 0Y7 N . -11.18 -0.22 35.39
O4 0Y7 N . -10.24 -0.75 36.30
C11 0Y7 N . -10.44 -1.42 32.56
O1 0Y7 N . -11.64 -1.23 32.40
C12 0Y7 N . -9.78 -2.54 31.75
C13 0Y7 N . -9.69 -2.02 30.31
C14 0Y7 N . -9.32 -3.23 29.41
O2 0Y7 N . -8.24 -3.50 28.99
O3 0Y7 N . -10.40 -4.00 29.17
C15 0Y7 N . -8.43 -3.06 32.22
C16 0Y7 N . -7.54 -1.92 32.65
C17 0Y7 N . -6.19 -2.39 33.10
C18 0Y7 N . -6.03 -3.42 34.05
C19 0Y7 N . -4.73 -3.79 34.45
C20 0Y7 N . -3.60 -3.16 33.93
C21 0Y7 N . -3.79 -2.15 32.99
CL2 0Y7 N . -2.45 -1.34 32.36
C22 0Y7 N . -5.06 -1.76 32.57
C10 0Y7 N . -11.27 1.35 33.46
C23 0Y7 N . -10.75 2.77 33.44
CL1 0Y7 O . -8.89 -16.32 -28.46
C1 0Y7 O . -10.34 -17.27 -28.65
C2 0Y7 O . -10.21 -18.67 -28.74
C3 0Y7 O . -11.37 -19.47 -28.84
C4 0Y7 O . -11.59 -16.63 -28.65
C5 0Y7 O . -12.73 -17.43 -28.74
C6 0Y7 O . -12.62 -18.85 -28.83
C7 0Y7 O . -13.87 -19.67 -28.89
N1 0Y7 O . -14.04 -20.32 -30.21
C8 0Y7 O . -13.73 -19.54 -31.42
C9 0Y7 O . -14.97 -19.05 -32.16
O4 0Y7 O . -15.81 -18.36 -31.24
C11 0Y7 O . -14.45 -21.63 -30.37
O1 0Y7 O . -14.55 -22.15 -31.49
C12 0Y7 O . -14.80 -22.47 -29.16
C13 0Y7 O . -13.65 -23.46 -28.83
C14 0Y7 O . -14.30 -24.43 -27.80
O2 0Y7 O . -14.23 -24.39 -26.60
O3 0Y7 O . -15.02 -25.37 -28.47
C15 0Y7 O . -15.13 -21.66 -27.91
C16 0Y7 O . -14.02 -20.59 -27.65
C17 0Y7 O . -14.31 -19.82 -26.40
C18 0Y7 O . -15.64 -19.45 -26.05
C19 0Y7 O . -15.89 -18.72 -24.88
C20 0Y7 O . -14.83 -18.35 -24.03
C21 0Y7 O . -13.53 -18.72 -24.39
CL2 0Y7 O . -12.12 -18.30 -23.49
C22 0Y7 O . -13.25 -19.45 -25.54
C10 0Y7 O . -12.77 -20.29 -32.34
C23 0Y7 O . -11.39 -19.71 -32.53
CL1 0Y7 P . -15.58 23.80 -28.50
C1 0Y7 P . -16.38 24.69 -29.74
C2 0Y7 P . -16.73 26.03 -29.49
C3 0Y7 P . -17.32 26.77 -30.52
C4 0Y7 P . -16.62 24.08 -30.98
C5 0Y7 P . -17.21 24.84 -31.99
C6 0Y7 P . -17.56 26.18 -31.77
C7 0Y7 P . -18.15 26.95 -32.91
N1 0Y7 P . -19.58 27.30 -32.68
C8 0Y7 P . -20.50 26.28 -32.12
C9 0Y7 P . -21.33 25.52 -33.15
O4 0Y7 P . -20.52 24.86 -34.12
C11 0Y7 P . -20.09 28.56 -32.99
O1 0Y7 P . -21.24 28.89 -32.73
C12 0Y7 P . -19.18 29.59 -33.71
C13 0Y7 P . -18.84 30.73 -32.70
C14 0Y7 P . -18.22 31.95 -33.41
O2 0Y7 P . -17.06 32.18 -33.49
O3 0Y7 P . -19.12 32.79 -33.95
C15 0Y7 P . -18.02 28.97 -34.47
C16 0Y7 P . -17.21 28.07 -33.49
C17 0Y7 P . -15.95 27.53 -34.08
C18 0Y7 P . -15.89 27.10 -35.41
C19 0Y7 P . -14.72 26.59 -35.97
C20 0Y7 P . -13.55 26.49 -35.16
C21 0Y7 P . -13.62 26.93 -33.83
CL2 0Y7 P . -12.25 26.80 -32.75
C22 0Y7 P . -14.78 27.45 -33.28
C10 0Y7 P . -21.42 26.77 -31.02
C23 0Y7 P . -21.15 26.18 -29.66
#